data_1T4B
#
_entry.id   1T4B
#
_cell.length_a   56.500
_cell.length_b   70.1
_cell.length_c   180.9
_cell.angle_alpha   90.00
_cell.angle_beta   90.00
_cell.angle_gamma   90.00
#
_symmetry.space_group_name_H-M   'P 21 21 21'
#
loop_
_entity.id
_entity.type
_entity.pdbx_description
1 polymer 'Aspartate-semialdehyde dehydrogenase'
2 non-polymer 'SODIUM ION'
3 water water
#
_entity_poly.entity_id   1
_entity_poly.type   'polypeptide(L)'
_entity_poly.pdbx_seq_one_letter_code
;MQNVGFIGWRGMVGSVLMQRMVEERDFDAIRPVFFSTSQLGQAAPSFGGTTGTLQDAFDLEALKALDIIVTCQGGDYTNE
IYPKLRESGWQGYWIDAASSLRMKDDAIIILDPVNQDVITDGLNNGIRTFVGGNCTVSLMLMSLGGLFANDLVDWVSVAT
YQAASGGGARHMRELLTQMGHLYGHVADELATPSSAILDIERKVTTLTRSGELPVDNFGVPLAGSLIPWIDKQLDNGQSR
EEWKGQAETNKILNTSSVIPVDGLCVRVGALRCHSQAFTIKLKKDVSIPTVEELLAAHNPWAKVVPNDREITMRELTPAA
VTGTLTTPVGRLRKLNMGPEFLSAFTVGDQLLWGAAEPLRRMLRQLA
;
_entity_poly.pdbx_strand_id   A,B
#
loop_
_chem_comp.id
_chem_comp.type
_chem_comp.name
_chem_comp.formula
NA non-polymer 'SODIUM ION' 'Na 1'
#
# COMPACT_ATOMS: atom_id res chain seq x y z
N MET A 1 -41.19 -6.16 -22.72
CA MET A 1 -39.89 -5.80 -22.07
C MET A 1 -40.08 -4.59 -21.16
N GLN A 2 -39.06 -4.33 -20.33
CA GLN A 2 -39.12 -3.21 -19.41
C GLN A 2 -38.53 -1.94 -20.02
N ASN A 3 -39.09 -0.80 -19.63
CA ASN A 3 -38.64 0.50 -20.10
C ASN A 3 -37.62 0.97 -19.06
N VAL A 4 -36.37 1.09 -19.49
CA VAL A 4 -35.29 1.46 -18.58
C VAL A 4 -34.57 2.76 -18.93
N GLY A 5 -34.48 3.65 -17.96
CA GLY A 5 -33.81 4.92 -18.18
C GLY A 5 -32.39 4.91 -17.64
N PHE A 6 -31.49 5.60 -18.32
CA PHE A 6 -30.10 5.67 -17.90
C PHE A 6 -29.67 7.12 -17.67
N ILE A 7 -29.19 7.38 -16.45
CA ILE A 7 -28.73 8.72 -16.09
C ILE A 7 -27.24 8.64 -15.81
N GLY A 8 -26.48 9.65 -16.24
CA GLY A 8 -25.05 9.68 -16.00
C GLY A 8 -24.28 8.61 -16.77
N TRP A 9 -24.82 8.17 -17.90
CA TRP A 9 -24.19 7.13 -18.69
C TRP A 9 -22.92 7.58 -19.41
N ARG A 10 -22.64 8.88 -19.41
CA ARG A 10 -21.45 9.39 -20.07
C ARG A 10 -20.32 9.67 -19.08
N GLY A 11 -20.63 9.58 -17.79
CA GLY A 11 -19.63 9.80 -16.77
C GLY A 11 -18.67 8.62 -16.77
N MET A 12 -17.69 8.64 -15.89
CA MET A 12 -16.73 7.54 -15.86
C MET A 12 -17.37 6.21 -15.49
N VAL A 13 -18.06 6.14 -14.35
CA VAL A 13 -18.69 4.89 -13.96
C VAL A 13 -19.76 4.50 -14.97
N GLY A 14 -20.54 5.47 -15.41
CA GLY A 14 -21.59 5.20 -16.39
C GLY A 14 -21.04 4.66 -17.70
N SER A 15 -19.85 5.12 -18.08
CA SER A 15 -19.23 4.67 -19.32
C SER A 15 -18.77 3.22 -19.20
N VAL A 16 -18.31 2.84 -18.02
CA VAL A 16 -17.89 1.45 -17.81
C VAL A 16 -19.15 0.59 -17.88
N LEU A 17 -20.23 1.09 -17.27
CA LEU A 17 -21.50 0.37 -17.30
C LEU A 17 -21.95 0.15 -18.74
N MET A 18 -21.91 1.21 -19.56
CA MET A 18 -22.32 1.10 -20.96
C MET A 18 -21.45 0.09 -21.71
N GLN A 19 -20.15 0.14 -21.44
CA GLN A 19 -19.20 -0.76 -22.07
C GLN A 19 -19.55 -2.22 -21.78
N ARG A 20 -19.84 -2.50 -20.52
CA ARG A 20 -20.18 -3.84 -20.07
C ARG A 20 -21.54 -4.30 -20.62
N MET A 21 -22.50 -3.38 -20.65
CA MET A 21 -23.82 -3.72 -21.18
C MET A 21 -23.75 -4.07 -22.66
N VAL A 22 -22.89 -3.39 -23.40
CA VAL A 22 -22.73 -3.68 -24.82
C VAL A 22 -22.02 -5.02 -24.98
N GLU A 23 -21.03 -5.27 -24.13
CA GLU A 23 -20.29 -6.54 -24.19
C GLU A 23 -21.22 -7.72 -23.93
N GLU A 24 -22.17 -7.53 -23.02
CA GLU A 24 -23.11 -8.60 -22.64
C GLU A 24 -24.44 -8.54 -23.42
N ARG A 25 -24.54 -7.61 -24.36
CA ARG A 25 -25.75 -7.45 -25.16
C ARG A 25 -26.99 -7.25 -24.28
N ASP A 26 -26.83 -6.45 -23.23
CA ASP A 26 -27.92 -6.16 -22.30
C ASP A 26 -29.01 -5.26 -22.87
N PHE A 27 -28.70 -4.52 -23.94
CA PHE A 27 -29.71 -3.63 -24.51
C PHE A 27 -30.74 -4.34 -25.39
N ASP A 28 -30.46 -5.59 -25.76
CA ASP A 28 -31.39 -6.33 -26.59
C ASP A 28 -32.56 -6.84 -25.75
N ALA A 29 -32.36 -6.92 -24.44
CA ALA A 29 -33.37 -7.42 -23.53
C ALA A 29 -34.22 -6.34 -22.84
N ILE A 30 -34.09 -5.10 -23.29
CA ILE A 30 -34.84 -3.99 -22.69
C ILE A 30 -35.17 -2.89 -23.70
N ARG A 31 -35.97 -1.93 -23.26
CA ARG A 31 -36.34 -0.77 -24.08
C ARG A 31 -35.66 0.39 -23.35
N PRO A 32 -34.43 0.74 -23.77
CA PRO A 32 -33.66 1.82 -23.14
C PRO A 32 -33.98 3.25 -23.54
N VAL A 33 -33.94 4.14 -22.56
CA VAL A 33 -34.17 5.57 -22.75
C VAL A 33 -32.99 6.27 -22.09
N PHE A 34 -32.31 7.12 -22.84
CA PHE A 34 -31.13 7.83 -22.32
C PHE A 34 -31.41 9.27 -21.96
N PHE A 35 -30.89 9.70 -20.82
CA PHE A 35 -31.09 11.06 -20.34
C PHE A 35 -29.84 11.92 -20.36
N SER A 36 -30.04 13.23 -20.37
CA SER A 36 -28.93 14.17 -20.42
C SER A 36 -29.38 15.55 -19.93
N THR A 37 -28.42 16.47 -19.81
CA THR A 37 -28.72 17.83 -19.40
C THR A 37 -28.08 18.80 -20.37
N SER A 38 -26.87 18.48 -20.81
CA SER A 38 -26.16 19.34 -21.76
C SER A 38 -26.34 18.92 -23.21
N GLN A 39 -26.95 17.76 -23.43
CA GLN A 39 -27.17 17.29 -24.79
C GLN A 39 -28.61 16.85 -25.06
N LEU A 40 -29.55 17.31 -24.25
CA LEU A 40 -30.94 16.94 -24.45
C LEU A 40 -31.38 17.35 -25.86
N GLY A 41 -32.25 16.56 -26.46
CA GLY A 41 -32.71 16.86 -27.79
C GLY A 41 -31.89 16.21 -28.89
N GLN A 42 -30.67 15.80 -28.55
CA GLN A 42 -29.82 15.14 -29.54
C GLN A 42 -30.19 13.66 -29.62
N ALA A 43 -29.67 12.96 -30.62
CA ALA A 43 -29.99 11.55 -30.81
C ALA A 43 -29.47 10.64 -29.70
N ALA A 44 -30.24 9.59 -29.41
CA ALA A 44 -29.84 8.61 -28.40
C ALA A 44 -28.66 7.84 -28.97
N PRO A 45 -27.80 7.31 -28.10
CA PRO A 45 -26.61 6.54 -28.51
C PRO A 45 -27.01 5.37 -29.39
N SER A 46 -26.32 5.19 -30.51
CA SER A 46 -26.62 4.10 -31.43
C SER A 46 -26.44 2.73 -30.78
N PHE A 47 -25.50 2.63 -29.84
CA PHE A 47 -25.24 1.35 -29.19
C PHE A 47 -26.44 0.89 -28.37
N GLY A 48 -27.37 1.82 -28.12
CA GLY A 48 -28.57 1.49 -27.35
C GLY A 48 -29.58 0.69 -28.14
N GLY A 49 -29.48 0.73 -29.46
CA GLY A 49 -30.41 -0.02 -30.30
C GLY A 49 -31.70 0.68 -30.62
N THR A 50 -31.83 1.94 -30.24
CA THR A 50 -33.05 2.70 -30.53
C THR A 50 -32.74 3.92 -31.38
N THR A 51 -33.79 4.52 -31.91
CA THR A 51 -33.67 5.72 -32.73
C THR A 51 -34.30 6.85 -31.92
N GLY A 52 -34.21 6.73 -30.60
CA GLY A 52 -34.79 7.73 -29.72
C GLY A 52 -33.97 9.00 -29.58
N THR A 53 -34.39 9.86 -28.66
CA THR A 53 -33.72 11.12 -28.40
C THR A 53 -33.36 11.21 -26.92
N LEU A 54 -32.30 11.96 -26.63
CA LEU A 54 -31.87 12.14 -25.24
C LEU A 54 -32.91 12.96 -24.50
N GLN A 55 -33.44 12.39 -23.41
CA GLN A 55 -34.45 13.05 -22.61
C GLN A 55 -33.84 13.91 -21.50
N ASP A 56 -34.66 14.80 -20.97
CA ASP A 56 -34.26 15.72 -19.90
C ASP A 56 -34.18 14.96 -18.58
N ALA A 57 -32.99 14.88 -18.01
CA ALA A 57 -32.77 14.17 -16.75
C ALA A 57 -33.60 14.73 -15.59
N PHE A 58 -34.16 15.92 -15.77
CA PHE A 58 -34.98 16.54 -14.72
C PHE A 58 -36.45 16.64 -15.09
N ASP A 59 -36.81 15.96 -16.18
CA ASP A 59 -38.19 15.92 -16.66
C ASP A 59 -38.85 14.75 -15.92
N LEU A 60 -39.60 15.07 -14.86
CA LEU A 60 -40.25 14.04 -14.06
C LEU A 60 -41.21 13.15 -14.84
N GLU A 61 -41.88 13.71 -15.83
CA GLU A 61 -42.82 12.93 -16.61
C GLU A 61 -42.10 11.87 -17.43
N ALA A 62 -40.95 12.24 -17.98
CA ALA A 62 -40.14 11.30 -18.76
C ALA A 62 -39.65 10.17 -17.86
N LEU A 63 -39.32 10.51 -16.62
CA LEU A 63 -38.83 9.52 -15.66
C LEU A 63 -39.95 8.61 -15.15
N LYS A 64 -41.12 9.18 -14.87
CA LYS A 64 -42.25 8.42 -14.37
C LYS A 64 -42.76 7.34 -15.33
N ALA A 65 -42.52 7.53 -16.62
CA ALA A 65 -42.96 6.56 -17.63
C ALA A 65 -42.11 5.29 -17.62
N LEU A 66 -40.98 5.31 -16.91
CA LEU A 66 -40.07 4.17 -16.85
C LEU A 66 -40.41 3.14 -15.78
N ASP A 67 -39.96 1.91 -15.99
CA ASP A 67 -40.18 0.83 -15.05
C ASP A 67 -38.96 0.71 -14.16
N ILE A 68 -37.81 1.05 -14.74
CA ILE A 68 -36.53 0.98 -14.05
C ILE A 68 -35.66 2.16 -14.40
N ILE A 69 -34.88 2.64 -13.43
CA ILE A 69 -33.96 3.74 -13.65
C ILE A 69 -32.61 3.30 -13.10
N VAL A 70 -31.58 3.41 -13.93
CA VAL A 70 -30.22 3.05 -13.51
C VAL A 70 -29.44 4.35 -13.60
N THR A 71 -28.99 4.86 -12.45
CA THR A 71 -28.25 6.11 -12.43
C THR A 71 -26.84 6.00 -11.90
N CYS A 72 -25.93 6.65 -12.61
CA CYS A 72 -24.51 6.72 -12.24
C CYS A 72 -24.17 8.21 -12.20
N GLN A 73 -25.20 9.05 -12.08
CA GLN A 73 -25.03 10.50 -12.06
C GLN A 73 -24.40 11.07 -10.80
N GLY A 74 -24.71 10.48 -9.64
CA GLY A 74 -24.13 10.97 -8.40
C GLY A 74 -25.13 11.34 -7.32
N GLY A 75 -24.62 11.57 -6.11
CA GLY A 75 -25.45 11.90 -4.98
C GLY A 75 -26.35 13.12 -5.10
N ASP A 76 -25.82 14.20 -5.67
CA ASP A 76 -26.61 15.43 -5.83
C ASP A 76 -27.86 15.16 -6.65
N TYR A 77 -27.72 14.40 -7.74
CA TYR A 77 -28.85 14.08 -8.60
C TYR A 77 -29.86 13.21 -7.85
N THR A 78 -29.37 12.18 -7.18
CA THR A 78 -30.25 11.30 -6.43
C THR A 78 -31.01 12.04 -5.34
N ASN A 79 -30.31 12.90 -4.61
CA ASN A 79 -30.92 13.66 -3.53
C ASN A 79 -32.03 14.59 -4.01
N GLU A 80 -31.96 15.02 -5.26
CA GLU A 80 -32.98 15.90 -5.80
C GLU A 80 -34.15 15.15 -6.45
N ILE A 81 -33.81 14.24 -7.35
CA ILE A 81 -34.81 13.48 -8.10
C ILE A 81 -35.47 12.29 -7.43
N TYR A 82 -34.70 11.47 -6.71
CA TYR A 82 -35.28 10.30 -6.06
C TYR A 82 -36.50 10.64 -5.19
N PRO A 83 -36.38 11.60 -4.27
CA PRO A 83 -37.52 11.96 -3.43
C PRO A 83 -38.72 12.44 -4.24
N LYS A 84 -38.47 13.27 -5.24
CA LYS A 84 -39.56 13.77 -6.08
C LYS A 84 -40.26 12.64 -6.80
N LEU A 85 -39.50 11.65 -7.26
CA LEU A 85 -40.11 10.51 -7.95
C LEU A 85 -40.95 9.68 -6.99
N ARG A 86 -40.39 9.34 -5.83
CA ARG A 86 -41.15 8.56 -4.86
C ARG A 86 -42.37 9.31 -4.37
N GLU A 87 -42.24 10.62 -4.17
CA GLU A 87 -43.36 11.43 -3.70
C GLU A 87 -44.46 11.55 -4.73
N SER A 88 -44.13 11.28 -5.99
CA SER A 88 -45.12 11.34 -7.07
C SER A 88 -45.87 10.02 -7.15
N GLY A 89 -45.45 9.05 -6.34
CA GLY A 89 -46.10 7.75 -6.34
C GLY A 89 -45.43 6.72 -7.24
N TRP A 90 -44.28 7.07 -7.80
CA TRP A 90 -43.55 6.17 -8.70
C TRP A 90 -43.05 4.95 -7.92
N GLN A 91 -43.42 3.77 -8.37
CA GLN A 91 -43.01 2.54 -7.69
C GLN A 91 -42.04 1.71 -8.52
N GLY A 92 -41.36 2.36 -9.45
CA GLY A 92 -40.40 1.65 -10.29
C GLY A 92 -39.13 1.33 -9.52
N TYR A 93 -38.23 0.58 -10.16
CA TYR A 93 -36.97 0.20 -9.52
C TYR A 93 -35.91 1.25 -9.75
N TRP A 94 -35.21 1.62 -8.68
CA TRP A 94 -34.15 2.61 -8.71
C TRP A 94 -32.85 1.89 -8.39
N ILE A 95 -31.95 1.80 -9.38
CA ILE A 95 -30.64 1.16 -9.23
C ILE A 95 -29.64 2.31 -9.26
N ASP A 96 -28.90 2.47 -8.17
CA ASP A 96 -28.01 3.61 -8.00
C ASP A 96 -26.56 3.30 -7.66
N ALA A 97 -25.64 4.04 -8.25
CA ALA A 97 -24.21 3.88 -7.99
C ALA A 97 -23.77 4.82 -6.85
N ALA A 98 -24.57 5.83 -6.57
CA ALA A 98 -24.26 6.80 -5.52
C ALA A 98 -24.45 6.20 -4.13
N SER A 99 -23.69 6.69 -3.15
CA SER A 99 -23.77 6.17 -1.78
C SER A 99 -24.92 6.74 -0.96
N SER A 100 -25.52 7.82 -1.45
CA SER A 100 -26.61 8.50 -0.76
C SER A 100 -27.69 7.66 -0.10
N LEU A 101 -28.26 6.71 -0.83
CA LEU A 101 -29.35 5.88 -0.32
C LEU A 101 -28.96 4.55 0.32
N ARG A 102 -27.67 4.23 0.35
CA ARG A 102 -27.21 2.96 0.90
C ARG A 102 -27.74 2.53 2.26
N MET A 103 -27.74 3.44 3.22
CA MET A 103 -28.19 3.10 4.57
C MET A 103 -29.66 3.33 4.87
N LYS A 104 -30.46 3.62 3.84
CA LYS A 104 -31.89 3.83 4.03
C LYS A 104 -32.55 2.48 4.33
N ASP A 105 -33.56 2.51 5.20
CA ASP A 105 -34.26 1.29 5.59
C ASP A 105 -35.09 0.64 4.48
N ASP A 106 -35.37 1.38 3.42
CA ASP A 106 -36.14 0.82 2.32
C ASP A 106 -35.26 0.59 1.10
N ALA A 107 -33.95 0.50 1.35
CA ALA A 107 -32.99 0.27 0.28
C ALA A 107 -32.09 -0.91 0.63
N ILE A 108 -31.66 -1.62 -0.41
CA ILE A 108 -30.78 -2.76 -0.21
C ILE A 108 -29.48 -2.53 -0.95
N ILE A 109 -28.36 -2.84 -0.31
CA ILE A 109 -27.05 -2.68 -0.95
C ILE A 109 -26.84 -3.96 -1.73
N ILE A 110 -26.63 -3.83 -3.04
CA ILE A 110 -26.49 -4.99 -3.93
C ILE A 110 -25.09 -5.47 -4.32
N LEU A 111 -24.93 -6.79 -4.28
CA LEU A 111 -23.71 -7.49 -4.68
C LEU A 111 -24.20 -8.93 -4.79
N ASP A 112 -25.04 -9.18 -5.79
CA ASP A 112 -25.67 -10.49 -5.96
C ASP A 112 -24.87 -11.77 -5.82
N PRO A 113 -23.59 -11.80 -6.26
CA PRO A 113 -22.87 -13.07 -6.09
C PRO A 113 -22.72 -13.39 -4.61
N VAL A 114 -22.83 -12.36 -3.78
CA VAL A 114 -22.69 -12.50 -2.34
C VAL A 114 -24.00 -12.49 -1.55
N ASN A 115 -24.91 -11.56 -1.89
CA ASN A 115 -26.16 -11.47 -1.14
C ASN A 115 -27.45 -11.61 -1.94
N GLN A 116 -27.45 -12.50 -2.94
CA GLN A 116 -28.64 -12.71 -3.75
C GLN A 116 -29.84 -13.02 -2.85
N ASP A 117 -29.61 -13.78 -1.78
CA ASP A 117 -30.69 -14.14 -0.87
C ASP A 117 -31.35 -12.89 -0.29
N VAL A 118 -30.52 -11.92 0.07
CA VAL A 118 -31.02 -10.67 0.63
C VAL A 118 -31.80 -9.90 -0.44
N ILE A 119 -31.27 -9.89 -1.66
CA ILE A 119 -31.93 -9.21 -2.76
C ILE A 119 -33.29 -9.84 -3.07
N THR A 120 -33.32 -11.16 -3.18
CA THR A 120 -34.57 -11.87 -3.48
C THR A 120 -35.63 -11.63 -2.41
N ASP A 121 -35.22 -11.71 -1.14
CA ASP A 121 -36.15 -11.47 -0.05
C ASP A 121 -36.70 -10.05 -0.12
N GLY A 122 -35.82 -9.11 -0.44
CA GLY A 122 -36.24 -7.72 -0.54
C GLY A 122 -37.26 -7.52 -1.65
N LEU A 123 -36.97 -8.09 -2.81
CA LEU A 123 -37.88 -7.98 -3.96
C LEU A 123 -39.27 -8.50 -3.61
N ASN A 124 -39.32 -9.59 -2.85
CA ASN A 124 -40.60 -10.17 -2.46
C ASN A 124 -41.28 -9.35 -1.38
N ASN A 125 -40.51 -8.53 -0.67
CA ASN A 125 -41.07 -7.70 0.39
C ASN A 125 -41.23 -6.22 0.04
N GLY A 126 -41.36 -5.93 -1.26
CA GLY A 126 -41.57 -4.56 -1.68
C GLY A 126 -40.41 -3.59 -1.81
N ILE A 127 -39.18 -4.05 -1.63
CA ILE A 127 -38.03 -3.15 -1.79
C ILE A 127 -37.90 -2.83 -3.27
N ARG A 128 -37.80 -1.54 -3.59
CA ARG A 128 -37.69 -1.11 -4.98
C ARG A 128 -36.46 -0.24 -5.22
N THR A 129 -35.60 -0.15 -4.21
CA THR A 129 -34.41 0.68 -4.32
C THR A 129 -33.16 -0.15 -4.04
N PHE A 130 -32.29 -0.25 -5.04
CA PHE A 130 -31.07 -1.04 -4.91
C PHE A 130 -29.84 -0.19 -5.19
N VAL A 131 -28.92 -0.18 -4.23
CA VAL A 131 -27.72 0.64 -4.32
C VAL A 131 -26.42 -0.14 -4.26
N GLY A 132 -25.48 0.19 -5.14
CA GLY A 132 -24.21 -0.49 -5.13
C GLY A 132 -23.46 -0.15 -3.85
N GLY A 133 -22.63 -1.07 -3.37
CA GLY A 133 -21.88 -0.82 -2.15
C GLY A 133 -20.55 -0.16 -2.40
N ASN A 134 -19.92 0.36 -1.34
CA ASN A 134 -18.63 1.03 -1.47
C ASN A 134 -17.62 0.10 -2.12
N CYS A 135 -16.79 0.64 -3.02
CA CYS A 135 -15.80 -0.15 -3.72
C CYS A 135 -14.96 -1.06 -2.82
N THR A 136 -14.44 -0.51 -1.73
CA THR A 136 -13.62 -1.29 -0.81
C THR A 136 -14.34 -2.53 -0.29
N VAL A 137 -15.55 -2.34 0.23
CA VAL A 137 -16.32 -3.44 0.78
C VAL A 137 -16.77 -4.45 -0.26
N SER A 138 -17.22 -3.97 -1.42
CA SER A 138 -17.68 -4.87 -2.47
C SER A 138 -16.53 -5.77 -2.97
N LEU A 139 -15.35 -5.18 -3.13
CA LEU A 139 -14.22 -5.96 -3.61
C LEU A 139 -13.78 -6.95 -2.53
N MET A 140 -13.86 -6.55 -1.27
CA MET A 140 -13.50 -7.44 -0.17
C MET A 140 -14.43 -8.65 -0.14
N LEU A 141 -15.72 -8.41 -0.27
CA LEU A 141 -16.69 -9.51 -0.23
C LEU A 141 -16.64 -10.41 -1.46
N MET A 142 -16.28 -9.86 -2.61
CA MET A 142 -16.19 -10.67 -3.82
C MET A 142 -15.03 -11.65 -3.67
N SER A 143 -13.92 -11.18 -3.11
CA SER A 143 -12.75 -12.03 -2.93
C SER A 143 -12.90 -12.98 -1.74
N LEU A 144 -13.39 -12.47 -0.62
CA LEU A 144 -13.54 -13.27 0.59
C LEU A 144 -14.94 -13.82 0.83
N GLY A 145 -15.76 -13.81 -0.21
CA GLY A 145 -17.14 -14.30 -0.09
C GLY A 145 -17.30 -15.64 0.58
N GLY A 146 -16.45 -16.60 0.22
CA GLY A 146 -16.54 -17.93 0.80
C GLY A 146 -16.42 -17.98 2.31
N LEU A 147 -15.58 -17.12 2.88
CA LEU A 147 -15.39 -17.09 4.33
C LEU A 147 -16.63 -16.56 5.04
N PHE A 148 -17.25 -15.53 4.47
CA PHE A 148 -18.44 -14.96 5.07
C PHE A 148 -19.66 -15.86 4.88
N ALA A 149 -19.80 -16.41 3.68
CA ALA A 149 -20.92 -17.29 3.37
C ALA A 149 -20.99 -18.48 4.33
N ASN A 150 -19.83 -18.97 4.75
CA ASN A 150 -19.77 -20.11 5.65
C ASN A 150 -19.67 -19.68 7.12
N ASP A 151 -19.94 -18.40 7.37
CA ASP A 151 -19.90 -17.84 8.71
C ASP A 151 -18.65 -18.20 9.49
N LEU A 152 -17.49 -17.98 8.87
CA LEU A 152 -16.21 -18.29 9.51
C LEU A 152 -15.48 -17.05 10.02
N VAL A 153 -16.04 -15.87 9.75
CA VAL A 153 -15.40 -14.63 10.16
C VAL A 153 -15.87 -14.07 11.51
N ASP A 154 -14.91 -13.89 12.42
CA ASP A 154 -15.20 -13.34 13.74
C ASP A 154 -15.05 -11.82 13.62
N TRP A 155 -13.91 -11.38 13.06
CA TRP A 155 -13.64 -9.96 12.81
C TRP A 155 -12.59 -9.81 11.73
N VAL A 156 -12.51 -8.62 11.15
CA VAL A 156 -11.56 -8.36 10.08
C VAL A 156 -10.87 -7.01 10.24
N SER A 157 -9.54 -7.02 10.14
CA SER A 157 -8.75 -5.78 10.23
C SER A 157 -8.15 -5.63 8.85
N VAL A 158 -8.26 -4.43 8.27
CA VAL A 158 -7.77 -4.20 6.92
C VAL A 158 -6.88 -2.98 6.73
N ALA A 159 -5.99 -3.07 5.75
CA ALA A 159 -5.13 -1.95 5.35
C ALA A 159 -5.32 -1.92 3.85
N THR A 160 -5.84 -0.82 3.31
CA THR A 160 -6.07 -0.74 1.88
C THR A 160 -4.99 0.01 1.08
N TYR A 161 -5.00 -0.24 -0.23
CA TYR A 161 -4.10 0.38 -1.17
C TYR A 161 -5.06 0.80 -2.29
N GLN A 162 -5.71 1.94 -2.10
CA GLN A 162 -6.73 2.40 -3.04
C GLN A 162 -6.32 3.25 -4.22
N ALA A 163 -6.92 2.95 -5.36
CA ALA A 163 -6.65 3.63 -6.63
C ALA A 163 -7.30 5.00 -6.76
N ALA A 164 -6.74 5.81 -7.67
CA ALA A 164 -7.21 7.16 -7.91
C ALA A 164 -8.61 7.23 -8.52
N SER A 165 -9.04 6.18 -9.22
CA SER A 165 -10.36 6.18 -9.83
C SER A 165 -11.45 6.38 -8.78
N GLY A 166 -11.16 5.99 -7.54
CA GLY A 166 -12.11 6.15 -6.46
C GLY A 166 -12.37 7.62 -6.19
N GLY A 167 -11.37 8.44 -6.47
CA GLY A 167 -11.51 9.87 -6.28
C GLY A 167 -12.28 10.44 -7.46
N GLY A 168 -11.93 10.00 -8.66
CA GLY A 168 -12.61 10.47 -9.85
C GLY A 168 -11.72 10.55 -11.07
N ALA A 169 -12.31 10.94 -12.20
CA ALA A 169 -11.57 11.06 -13.45
C ALA A 169 -10.43 12.07 -13.38
N ARG A 170 -10.71 13.27 -12.86
CA ARG A 170 -9.66 14.27 -12.77
C ARG A 170 -8.53 13.87 -11.83
N HIS A 171 -8.86 13.04 -10.83
CA HIS A 171 -7.86 12.57 -9.88
C HIS A 171 -6.89 11.63 -10.59
N MET A 172 -7.42 10.81 -11.49
CA MET A 172 -6.59 9.88 -12.24
C MET A 172 -5.63 10.66 -13.14
N ARG A 173 -6.16 11.70 -13.79
CA ARG A 173 -5.34 12.52 -14.68
C ARG A 173 -4.25 13.24 -13.89
N GLU A 174 -4.57 13.64 -12.66
CA GLU A 174 -3.62 14.33 -11.81
C GLU A 174 -2.47 13.39 -11.47
N LEU A 175 -2.79 12.14 -11.14
CA LEU A 175 -1.77 11.16 -10.81
C LEU A 175 -0.81 10.95 -11.98
N LEU A 176 -1.38 10.71 -13.17
CA LEU A 176 -0.55 10.48 -14.34
C LEU A 176 0.28 11.70 -14.71
N THR A 177 -0.30 12.89 -14.58
CA THR A 177 0.42 14.12 -14.90
C THR A 177 1.60 14.27 -13.94
N GLN A 178 1.39 13.92 -12.67
CA GLN A 178 2.48 14.00 -11.69
C GLN A 178 3.62 13.07 -12.07
N MET A 179 3.29 11.85 -12.53
CA MET A 179 4.31 10.90 -12.93
C MET A 179 5.16 11.53 -14.04
N GLY A 180 4.49 12.28 -14.91
CA GLY A 180 5.20 12.95 -15.99
C GLY A 180 6.15 14.01 -15.49
N HIS A 181 5.72 14.76 -14.47
CA HIS A 181 6.56 15.80 -13.88
C HIS A 181 7.81 15.21 -13.25
N LEU A 182 7.63 14.18 -12.42
CA LEU A 182 8.73 13.54 -11.75
C LEU A 182 9.75 12.95 -12.72
N TYR A 183 9.29 12.15 -13.67
CA TYR A 183 10.20 11.55 -14.65
C TYR A 183 10.89 12.62 -15.49
N GLY A 184 10.10 13.55 -16.02
CA GLY A 184 10.65 14.60 -16.87
C GLY A 184 11.74 15.41 -16.21
N HIS A 185 11.60 15.64 -14.91
CA HIS A 185 12.58 16.42 -14.17
C HIS A 185 13.96 15.75 -14.10
N VAL A 186 13.98 14.43 -14.14
CA VAL A 186 15.24 13.68 -14.08
C VAL A 186 15.46 12.80 -15.30
N ALA A 187 14.79 13.11 -16.39
CA ALA A 187 14.92 12.35 -17.63
C ALA A 187 16.36 12.28 -18.12
N ASP A 188 17.06 13.42 -18.09
CA ASP A 188 18.45 13.47 -18.54
C ASP A 188 19.36 12.58 -17.70
N GLU A 189 19.17 12.61 -16.37
CA GLU A 189 19.97 11.79 -15.48
C GLU A 189 19.71 10.30 -15.72
N LEU A 190 18.45 9.94 -15.85
CA LEU A 190 18.10 8.54 -16.07
C LEU A 190 18.74 8.05 -17.37
N ALA A 191 18.85 8.94 -18.35
CA ALA A 191 19.43 8.61 -19.65
C ALA A 191 20.96 8.58 -19.59
N THR A 192 21.52 8.96 -18.44
CA THR A 192 22.97 8.97 -18.24
C THR A 192 23.32 7.80 -17.33
N PRO A 193 23.96 6.75 -17.87
CA PRO A 193 24.32 5.59 -17.07
C PRO A 193 25.18 5.85 -15.82
N SER A 194 26.05 6.85 -15.88
CA SER A 194 26.92 7.16 -14.76
C SER A 194 26.34 8.08 -13.70
N SER A 195 25.13 8.60 -13.93
CA SER A 195 24.51 9.50 -12.96
C SER A 195 24.34 8.86 -11.59
N ALA A 196 24.45 9.68 -10.54
CA ALA A 196 24.32 9.23 -9.16
C ALA A 196 22.86 9.14 -8.71
N ILE A 197 22.48 7.96 -8.21
CA ILE A 197 21.11 7.75 -7.77
C ILE A 197 20.64 8.75 -6.72
N LEU A 198 21.53 9.16 -5.81
CA LEU A 198 21.14 10.10 -4.78
C LEU A 198 20.90 11.50 -5.36
N ASP A 199 21.51 11.80 -6.50
CA ASP A 199 21.29 13.09 -7.15
C ASP A 199 19.90 13.03 -7.78
N ILE A 200 19.58 11.90 -8.39
CA ILE A 200 18.28 11.70 -9.03
C ILE A 200 17.17 11.77 -7.98
N GLU A 201 17.32 11.01 -6.90
CA GLU A 201 16.31 11.01 -5.86
C GLU A 201 16.13 12.39 -5.22
N ARG A 202 17.23 13.09 -4.94
CA ARG A 202 17.11 14.40 -4.32
C ARG A 202 16.27 15.33 -5.19
N LYS A 203 16.49 15.30 -6.49
CA LYS A 203 15.74 16.16 -7.40
C LYS A 203 14.26 15.83 -7.39
N VAL A 204 13.93 14.55 -7.41
CA VAL A 204 12.53 14.12 -7.40
C VAL A 204 11.89 14.51 -6.08
N THR A 205 12.60 14.28 -4.98
CA THR A 205 12.09 14.60 -3.66
C THR A 205 11.85 16.10 -3.50
N THR A 206 12.79 16.91 -3.97
CA THR A 206 12.67 18.35 -3.88
C THR A 206 11.51 18.85 -4.74
N LEU A 207 11.38 18.32 -5.95
CA LEU A 207 10.29 18.73 -6.83
C LEU A 207 8.94 18.41 -6.20
N THR A 208 8.85 17.27 -5.53
CA THR A 208 7.61 16.85 -4.91
C THR A 208 7.14 17.84 -3.84
N ARG A 209 8.09 18.45 -3.14
CA ARG A 209 7.77 19.42 -2.10
C ARG A 209 7.83 20.87 -2.56
N SER A 210 8.22 21.07 -3.82
CA SER A 210 8.37 22.42 -4.37
C SER A 210 7.08 23.22 -4.51
N GLY A 211 5.97 22.53 -4.74
CA GLY A 211 4.70 23.21 -4.93
C GLY A 211 4.42 23.32 -6.42
N GLU A 212 5.32 22.76 -7.22
CA GLU A 212 5.17 22.78 -8.68
C GLU A 212 4.27 21.65 -9.17
N LEU A 213 4.09 20.62 -8.37
CA LEU A 213 3.23 19.51 -8.76
C LEU A 213 1.77 19.92 -8.64
N PRO A 214 0.95 19.57 -9.65
CA PRO A 214 -0.48 19.93 -9.60
C PRO A 214 -1.16 18.99 -8.60
N VAL A 215 -1.70 19.55 -7.52
CA VAL A 215 -2.35 18.74 -6.50
C VAL A 215 -3.74 19.25 -6.12
N ASP A 216 -4.41 19.93 -7.04
CA ASP A 216 -5.74 20.48 -6.77
C ASP A 216 -6.78 19.46 -6.30
N ASN A 217 -6.73 18.25 -6.85
CA ASN A 217 -7.72 17.24 -6.49
C ASN A 217 -7.43 16.40 -5.25
N PHE A 218 -6.18 16.00 -5.05
CA PHE A 218 -5.85 15.20 -3.87
C PHE A 218 -5.35 16.04 -2.69
N GLY A 219 -5.01 17.30 -2.97
CA GLY A 219 -4.54 18.19 -1.91
C GLY A 219 -3.04 18.13 -1.69
N VAL A 220 -2.48 16.93 -1.83
CA VAL A 220 -1.05 16.70 -1.68
C VAL A 220 -0.63 15.75 -2.80
N PRO A 221 0.68 15.57 -3.01
CA PRO A 221 1.15 14.68 -4.07
C PRO A 221 0.75 13.22 -3.88
N LEU A 222 0.55 12.51 -4.99
CA LEU A 222 0.21 11.10 -4.92
C LEU A 222 1.28 10.25 -5.61
N ALA A 223 1.77 10.70 -6.76
CA ALA A 223 2.82 9.96 -7.46
C ALA A 223 4.04 9.87 -6.55
N GLY A 224 4.50 8.65 -6.31
CA GLY A 224 5.65 8.45 -5.45
C GLY A 224 5.34 8.57 -3.96
N SER A 225 4.06 8.72 -3.65
CA SER A 225 3.66 8.87 -2.25
C SER A 225 2.35 8.13 -1.99
N LEU A 226 1.71 8.45 -0.88
CA LEU A 226 0.43 7.86 -0.50
C LEU A 226 -0.23 8.78 0.51
N ILE A 227 -1.53 8.61 0.70
CA ILE A 227 -2.27 9.47 1.62
C ILE A 227 -3.14 8.61 2.52
N PRO A 228 -2.73 8.44 3.79
CA PRO A 228 -3.46 7.63 4.77
C PRO A 228 -4.73 8.24 5.36
N TRP A 229 -5.53 8.87 4.51
CA TRP A 229 -6.81 9.45 4.94
C TRP A 229 -7.69 9.66 3.72
N ILE A 230 -8.85 9.00 3.72
CA ILE A 230 -9.79 9.12 2.61
C ILE A 230 -11.17 9.52 3.12
N ASP A 231 -11.67 10.64 2.60
CA ASP A 231 -12.98 11.16 2.95
C ASP A 231 -13.03 11.85 4.32
N LYS A 232 -14.19 12.39 4.67
CA LYS A 232 -14.38 13.14 5.91
C LYS A 232 -14.01 12.47 7.22
N GLN A 233 -13.51 13.30 8.13
CA GLN A 233 -13.11 12.87 9.47
C GLN A 233 -14.36 12.76 10.34
N LEU A 234 -14.47 11.65 11.07
CA LEU A 234 -15.60 11.41 11.95
C LEU A 234 -15.14 11.56 13.40
N ASP A 235 -16.09 11.81 14.30
CA ASP A 235 -15.77 12.01 15.72
C ASP A 235 -15.06 10.84 16.41
N ASN A 236 -15.25 9.62 15.90
CA ASN A 236 -14.62 8.45 16.52
C ASN A 236 -13.19 8.22 16.06
N GLY A 237 -12.69 9.09 15.19
CA GLY A 237 -11.32 8.94 14.72
C GLY A 237 -11.17 8.27 13.37
N GLN A 238 -12.26 7.66 12.89
CA GLN A 238 -12.24 7.00 11.59
C GLN A 238 -12.48 8.02 10.50
N SER A 239 -12.12 7.66 9.27
CA SER A 239 -12.41 8.50 8.12
C SER A 239 -13.73 7.86 7.70
N ARG A 240 -14.55 8.56 6.93
CA ARG A 240 -15.82 7.98 6.50
C ARG A 240 -15.59 6.72 5.65
N GLU A 241 -14.47 6.66 4.94
CA GLU A 241 -14.17 5.50 4.11
C GLU A 241 -13.99 4.28 5.00
N GLU A 242 -13.30 4.45 6.11
CA GLU A 242 -13.06 3.35 7.05
C GLU A 242 -14.36 2.95 7.73
N TRP A 243 -15.19 3.94 8.06
CA TRP A 243 -16.48 3.70 8.72
C TRP A 243 -17.39 2.82 7.88
N LYS A 244 -17.33 2.98 6.56
CA LYS A 244 -18.18 2.20 5.67
C LYS A 244 -17.90 0.70 5.71
N GLY A 245 -16.69 0.33 6.13
CA GLY A 245 -16.34 -1.08 6.20
C GLY A 245 -17.30 -1.91 7.01
N GLN A 246 -17.49 -1.54 8.29
CA GLN A 246 -18.39 -2.29 9.14
C GLN A 246 -19.86 -2.04 8.81
N ALA A 247 -20.19 -0.79 8.53
CA ALA A 247 -21.57 -0.43 8.23
C ALA A 247 -22.12 -1.16 7.01
N GLU A 248 -21.38 -1.14 5.90
CA GLU A 248 -21.86 -1.77 4.69
C GLU A 248 -21.68 -3.28 4.63
N THR A 249 -20.62 -3.80 5.24
CA THR A 249 -20.40 -5.24 5.24
C THR A 249 -21.59 -5.92 5.91
N ASN A 250 -21.97 -5.41 7.08
CA ASN A 250 -23.08 -5.98 7.82
C ASN A 250 -24.44 -5.80 7.14
N LYS A 251 -24.65 -4.69 6.43
CA LYS A 251 -25.93 -4.49 5.77
C LYS A 251 -26.03 -5.35 4.50
N ILE A 252 -24.92 -5.48 3.78
CA ILE A 252 -24.91 -6.31 2.58
C ILE A 252 -25.22 -7.76 2.94
N LEU A 253 -24.57 -8.26 3.98
CA LEU A 253 -24.76 -9.64 4.41
C LEU A 253 -26.00 -9.85 5.27
N ASN A 254 -26.55 -8.76 5.79
CA ASN A 254 -27.73 -8.81 6.66
C ASN A 254 -27.42 -9.76 7.83
N THR A 255 -26.31 -9.49 8.50
CA THR A 255 -25.84 -10.29 9.64
C THR A 255 -26.79 -10.27 10.84
N SER A 256 -26.82 -11.38 11.58
CA SER A 256 -27.67 -11.49 12.76
C SER A 256 -27.02 -10.79 13.96
N SER A 257 -25.69 -10.69 13.91
CA SER A 257 -24.91 -10.02 14.95
C SER A 257 -23.81 -9.27 14.21
N VAL A 258 -23.38 -8.14 14.75
CA VAL A 258 -22.35 -7.34 14.10
C VAL A 258 -20.98 -7.99 13.98
N ILE A 259 -20.46 -8.01 12.76
CA ILE A 259 -19.13 -8.53 12.50
C ILE A 259 -18.24 -7.30 12.48
N PRO A 260 -17.29 -7.20 13.43
CA PRO A 260 -16.40 -6.04 13.46
C PRO A 260 -15.49 -5.99 12.23
N VAL A 261 -15.47 -4.84 11.58
CA VAL A 261 -14.64 -4.62 10.40
C VAL A 261 -14.05 -3.23 10.59
N ASP A 262 -12.73 -3.12 10.50
CA ASP A 262 -12.10 -1.81 10.71
C ASP A 262 -10.71 -1.84 10.11
N GLY A 263 -10.06 -0.68 10.09
CA GLY A 263 -8.72 -0.61 9.54
C GLY A 263 -8.36 0.75 9.01
N LEU A 264 -7.35 0.79 8.15
CA LEU A 264 -6.87 2.03 7.57
C LEU A 264 -7.05 2.03 6.05
N CYS A 265 -7.66 3.09 5.53
CA CYS A 265 -7.87 3.23 4.10
C CYS A 265 -6.88 4.26 3.57
N VAL A 266 -5.96 3.77 2.73
CA VAL A 266 -4.88 4.60 2.18
C VAL A 266 -4.94 4.74 0.66
N ARG A 267 -4.78 5.97 0.18
CA ARG A 267 -4.79 6.22 -1.26
C ARG A 267 -3.36 6.04 -1.78
N VAL A 268 -3.22 5.26 -2.84
CA VAL A 268 -1.91 5.01 -3.43
C VAL A 268 -1.90 5.35 -4.93
N GLY A 269 -0.71 5.35 -5.52
CA GLY A 269 -0.54 5.69 -6.92
C GLY A 269 -0.97 4.67 -7.97
N ALA A 270 -2.18 4.16 -7.83
CA ALA A 270 -2.72 3.19 -8.79
C ALA A 270 -3.87 3.90 -9.51
N LEU A 271 -4.17 3.45 -10.73
CA LEU A 271 -5.22 4.06 -11.53
C LEU A 271 -6.64 3.57 -11.25
N ARG A 272 -6.85 2.25 -11.30
CA ARG A 272 -8.18 1.69 -11.09
C ARG A 272 -8.33 0.57 -10.05
N CYS A 273 -7.24 -0.11 -9.74
CA CYS A 273 -7.31 -1.22 -8.79
C CYS A 273 -7.08 -0.96 -7.32
N HIS A 274 -7.96 -1.51 -6.49
CA HIS A 274 -7.82 -1.42 -5.04
C HIS A 274 -7.22 -2.74 -4.58
N SER A 275 -6.17 -2.67 -3.77
CA SER A 275 -5.56 -3.88 -3.23
C SER A 275 -5.82 -3.79 -1.73
N GLN A 276 -5.96 -4.92 -1.05
CA GLN A 276 -6.22 -4.89 0.38
C GLN A 276 -5.53 -6.03 1.13
N ALA A 277 -4.95 -5.70 2.28
CA ALA A 277 -4.26 -6.65 3.12
C ALA A 277 -5.14 -6.91 4.33
N PHE A 278 -5.36 -8.17 4.67
CA PHE A 278 -6.23 -8.52 5.79
C PHE A 278 -5.63 -9.36 6.88
N THR A 279 -6.18 -9.19 8.07
CA THR A 279 -5.86 -9.99 9.24
C THR A 279 -7.27 -10.41 9.61
N ILE A 280 -7.58 -11.67 9.35
CA ILE A 280 -8.91 -12.20 9.60
C ILE A 280 -8.93 -13.18 10.78
N LYS A 281 -9.79 -12.90 11.75
CA LYS A 281 -9.93 -13.79 12.90
C LYS A 281 -11.07 -14.73 12.55
N LEU A 282 -10.76 -16.01 12.46
CA LEU A 282 -11.72 -17.04 12.12
C LEU A 282 -12.46 -17.51 13.38
N LYS A 283 -13.69 -17.97 13.21
CA LYS A 283 -14.49 -18.46 14.34
C LYS A 283 -13.99 -19.84 14.78
N LYS A 284 -13.22 -20.50 13.93
CA LYS A 284 -12.68 -21.81 14.25
C LYS A 284 -11.47 -22.10 13.38
N ASP A 285 -10.69 -23.10 13.78
CA ASP A 285 -9.49 -23.46 13.04
C ASP A 285 -9.79 -24.35 11.83
N VAL A 286 -9.73 -23.75 10.63
CA VAL A 286 -9.96 -24.47 9.39
C VAL A 286 -8.62 -24.46 8.66
N SER A 287 -8.30 -25.55 7.99
CA SER A 287 -7.03 -25.65 7.26
C SER A 287 -6.98 -24.68 6.10
N ILE A 288 -5.77 -24.38 5.64
CA ILE A 288 -5.60 -23.47 4.52
C ILE A 288 -6.19 -24.09 3.26
N PRO A 289 -5.99 -25.41 3.05
CA PRO A 289 -6.56 -26.03 1.87
C PRO A 289 -8.08 -25.90 1.85
N THR A 290 -8.69 -26.00 3.02
CA THR A 290 -10.14 -25.85 3.13
C THR A 290 -10.53 -24.39 2.85
N VAL A 291 -9.72 -23.46 3.34
CA VAL A 291 -9.99 -22.04 3.11
C VAL A 291 -9.94 -21.76 1.61
N GLU A 292 -8.88 -22.24 0.96
CA GLU A 292 -8.72 -22.04 -0.47
C GLU A 292 -9.91 -22.61 -1.25
N GLU A 293 -10.38 -23.77 -0.82
CA GLU A 293 -11.50 -24.42 -1.49
C GLU A 293 -12.78 -23.60 -1.35
N LEU A 294 -13.08 -23.16 -0.13
CA LEU A 294 -14.27 -22.36 0.14
C LEU A 294 -14.27 -21.05 -0.63
N LEU A 295 -13.11 -20.39 -0.66
CA LEU A 295 -13.02 -19.11 -1.37
C LEU A 295 -13.23 -19.27 -2.87
N ALA A 296 -12.58 -20.26 -3.46
CA ALA A 296 -12.69 -20.50 -4.90
C ALA A 296 -14.06 -20.98 -5.34
N ALA A 297 -14.74 -21.72 -4.46
CA ALA A 297 -16.05 -22.27 -4.77
C ALA A 297 -17.21 -21.26 -4.67
N HIS A 298 -17.00 -20.18 -3.92
CA HIS A 298 -18.06 -19.19 -3.73
C HIS A 298 -18.54 -18.54 -5.03
N ASN A 299 -17.60 -18.03 -5.82
CA ASN A 299 -17.94 -17.40 -7.09
C ASN A 299 -16.73 -17.53 -8.03
N PRO A 300 -16.97 -17.47 -9.35
CA PRO A 300 -15.90 -17.61 -10.33
C PRO A 300 -14.90 -16.47 -10.47
N TRP A 301 -15.14 -15.35 -9.80
CA TRP A 301 -14.23 -14.21 -9.88
C TRP A 301 -13.19 -14.19 -8.78
N ALA A 302 -13.46 -14.87 -7.68
CA ALA A 302 -12.52 -14.95 -6.57
C ALA A 302 -11.47 -15.99 -6.87
N LYS A 303 -10.60 -15.70 -7.83
CA LYS A 303 -9.55 -16.61 -8.22
C LYS A 303 -8.52 -16.72 -7.09
N VAL A 304 -8.28 -17.94 -6.63
CA VAL A 304 -7.31 -18.13 -5.56
C VAL A 304 -5.92 -18.26 -6.17
N VAL A 305 -5.03 -17.37 -5.77
CA VAL A 305 -3.66 -17.38 -6.27
C VAL A 305 -2.80 -18.17 -5.30
N PRO A 306 -2.21 -19.29 -5.77
CA PRO A 306 -1.36 -20.11 -4.91
C PRO A 306 -0.36 -19.23 -4.15
N ASN A 307 -0.11 -19.57 -2.89
CA ASN A 307 0.81 -18.79 -2.08
C ASN A 307 2.28 -19.10 -2.41
N ASP A 308 2.64 -18.84 -3.66
CA ASP A 308 4.00 -19.06 -4.14
C ASP A 308 4.48 -17.76 -4.75
N ARG A 309 5.77 -17.48 -4.61
CA ARG A 309 6.36 -16.24 -5.09
C ARG A 309 6.08 -15.74 -6.49
N GLU A 310 6.54 -16.46 -7.50
CA GLU A 310 6.36 -16.01 -8.88
C GLU A 310 4.92 -15.85 -9.35
N ILE A 311 4.06 -16.81 -9.04
CA ILE A 311 2.67 -16.69 -9.49
C ILE A 311 1.99 -15.50 -8.78
N THR A 312 2.38 -15.24 -7.54
CA THR A 312 1.82 -14.12 -6.80
C THR A 312 2.25 -12.82 -7.50
N MET A 313 3.52 -12.75 -7.87
CA MET A 313 4.04 -11.56 -8.54
C MET A 313 3.32 -11.28 -9.85
N ARG A 314 2.90 -12.34 -10.54
CA ARG A 314 2.22 -12.22 -11.82
C ARG A 314 0.71 -12.00 -11.79
N GLU A 315 0.04 -12.60 -10.82
CA GLU A 315 -1.43 -12.51 -10.76
C GLU A 315 -2.07 -11.66 -9.68
N LEU A 316 -1.37 -11.42 -8.58
CA LEU A 316 -1.96 -10.67 -7.47
C LEU A 316 -1.50 -9.22 -7.42
N THR A 317 -1.74 -8.49 -8.51
CA THR A 317 -1.32 -7.10 -8.60
C THR A 317 -2.26 -6.28 -9.48
N PRO A 318 -2.24 -4.96 -9.30
CA PRO A 318 -3.09 -4.09 -10.13
C PRO A 318 -2.77 -4.30 -11.61
N ALA A 319 -1.49 -4.45 -11.93
CA ALA A 319 -1.08 -4.63 -13.33
C ALA A 319 -1.80 -5.80 -13.99
N ALA A 320 -2.03 -6.86 -13.22
CA ALA A 320 -2.70 -8.04 -13.75
C ALA A 320 -4.21 -7.98 -13.71
N VAL A 321 -4.74 -7.15 -12.81
CA VAL A 321 -6.18 -7.07 -12.61
C VAL A 321 -6.96 -5.91 -13.25
N THR A 322 -6.31 -4.76 -13.46
CA THR A 322 -7.02 -3.61 -14.04
C THR A 322 -7.81 -3.93 -15.31
N GLY A 323 -9.07 -3.50 -15.34
CA GLY A 323 -9.90 -3.73 -16.50
C GLY A 323 -10.51 -5.11 -16.62
N THR A 324 -10.23 -5.98 -15.65
CA THR A 324 -10.79 -7.34 -15.68
C THR A 324 -11.81 -7.50 -14.56
N LEU A 325 -12.62 -8.55 -14.64
CA LEU A 325 -13.64 -8.83 -13.64
C LEU A 325 -13.09 -9.72 -12.52
N THR A 326 -11.82 -10.08 -12.61
CA THR A 326 -11.23 -10.96 -11.61
C THR A 326 -10.94 -10.22 -10.30
N THR A 327 -11.27 -10.84 -9.17
CA THR A 327 -11.02 -10.28 -7.85
C THR A 327 -10.22 -11.34 -7.08
N PRO A 328 -8.96 -11.57 -7.51
CA PRO A 328 -8.10 -12.57 -6.89
C PRO A 328 -7.75 -12.35 -5.42
N VAL A 329 -7.54 -13.46 -4.72
CA VAL A 329 -7.16 -13.45 -3.32
C VAL A 329 -5.97 -14.40 -3.19
N GLY A 330 -4.94 -13.95 -2.48
CA GLY A 330 -3.75 -14.77 -2.31
C GLY A 330 -3.06 -14.58 -0.97
N ARG A 331 -1.82 -15.03 -0.89
CA ARG A 331 -1.01 -14.95 0.32
C ARG A 331 -1.74 -15.56 1.51
N LEU A 332 -2.53 -16.60 1.23
CA LEU A 332 -3.30 -17.25 2.29
C LEU A 332 -2.47 -18.19 3.16
N ARG A 333 -2.39 -17.84 4.44
CA ARG A 333 -1.67 -18.63 5.43
C ARG A 333 -2.09 -18.19 6.81
N LYS A 334 -1.80 -19.02 7.82
CA LYS A 334 -2.14 -18.67 9.18
C LYS A 334 -1.03 -17.76 9.70
N LEU A 335 -1.42 -16.74 10.47
CA LEU A 335 -0.47 -15.81 11.04
C LEU A 335 0.15 -16.38 12.31
N ASN A 336 1.29 -15.85 12.72
CA ASN A 336 1.97 -16.34 13.91
C ASN A 336 1.18 -16.22 15.20
N MET A 337 0.13 -15.39 15.20
CA MET A 337 -0.69 -15.23 16.40
C MET A 337 -1.44 -16.50 16.75
N GLY A 338 -1.72 -17.34 15.76
CA GLY A 338 -2.44 -18.58 16.03
C GLY A 338 -3.17 -19.12 14.82
N PRO A 339 -3.63 -20.39 14.88
CA PRO A 339 -4.37 -21.03 13.79
C PRO A 339 -5.72 -20.40 13.45
N GLU A 340 -6.20 -19.52 14.30
CA GLU A 340 -7.48 -18.85 14.04
C GLU A 340 -7.25 -17.48 13.41
N PHE A 341 -6.00 -17.17 13.10
CA PHE A 341 -5.65 -15.90 12.47
C PHE A 341 -5.23 -16.18 11.03
N LEU A 342 -5.99 -15.62 10.09
CA LEU A 342 -5.73 -15.82 8.67
C LEU A 342 -5.27 -14.55 7.97
N SER A 343 -4.25 -14.69 7.14
CA SER A 343 -3.72 -13.58 6.37
C SER A 343 -4.26 -13.71 4.95
N ALA A 344 -4.50 -12.59 4.29
CA ALA A 344 -5.01 -12.61 2.92
C ALA A 344 -4.72 -11.27 2.25
N PHE A 345 -4.49 -11.31 0.94
CA PHE A 345 -4.24 -10.11 0.17
C PHE A 345 -5.10 -10.20 -1.08
N THR A 346 -5.86 -9.15 -1.36
CA THR A 346 -6.75 -9.16 -2.51
C THR A 346 -6.52 -7.97 -3.44
N VAL A 347 -7.00 -8.11 -4.67
CA VAL A 347 -6.89 -7.06 -5.68
C VAL A 347 -8.18 -7.08 -6.49
N GLY A 348 -8.66 -5.90 -6.86
CA GLY A 348 -9.88 -5.82 -7.64
C GLY A 348 -10.03 -4.48 -8.33
N ASP A 349 -10.66 -4.47 -9.50
CA ASP A 349 -10.85 -3.23 -10.25
C ASP A 349 -11.98 -2.43 -9.60
N GLN A 350 -11.70 -1.18 -9.26
CA GLN A 350 -12.67 -0.32 -8.59
C GLN A 350 -13.90 0.06 -9.40
N LEU A 351 -13.78 0.14 -10.73
CA LEU A 351 -14.90 0.53 -11.56
C LEU A 351 -15.84 -0.60 -11.99
N LEU A 352 -15.38 -1.84 -11.89
CA LEU A 352 -16.23 -2.97 -12.26
C LEU A 352 -17.00 -3.49 -11.05
N TRP A 353 -16.49 -4.50 -10.36
CA TRP A 353 -17.22 -4.98 -9.19
C TRP A 353 -17.37 -3.90 -8.14
N GLY A 354 -16.43 -2.94 -8.14
CA GLY A 354 -16.49 -1.87 -7.17
C GLY A 354 -17.42 -0.74 -7.54
N ALA A 355 -18.05 -0.80 -8.72
CA ALA A 355 -18.95 0.26 -9.13
C ALA A 355 -20.06 -0.13 -10.11
N ALA A 356 -19.71 -0.30 -11.38
CA ALA A 356 -20.69 -0.61 -12.42
C ALA A 356 -21.27 -2.01 -12.52
N GLU A 357 -20.46 -3.03 -12.30
CA GLU A 357 -20.95 -4.40 -12.46
C GLU A 357 -22.17 -4.82 -11.64
N PRO A 358 -22.23 -4.47 -10.34
CA PRO A 358 -23.40 -4.86 -9.56
C PRO A 358 -24.69 -4.26 -10.11
N LEU A 359 -24.57 -3.09 -10.72
CA LEU A 359 -25.74 -2.41 -11.28
C LEU A 359 -26.25 -3.14 -12.52
N ARG A 360 -25.32 -3.52 -13.39
CA ARG A 360 -25.65 -4.23 -14.63
C ARG A 360 -26.36 -5.54 -14.31
N ARG A 361 -25.82 -6.28 -13.34
CA ARG A 361 -26.39 -7.56 -12.96
C ARG A 361 -27.76 -7.43 -12.30
N MET A 362 -27.96 -6.40 -11.50
CA MET A 362 -29.26 -6.21 -10.85
C MET A 362 -30.30 -5.91 -11.93
N LEU A 363 -29.94 -5.05 -12.88
CA LEU A 363 -30.84 -4.70 -13.97
C LEU A 363 -31.23 -5.95 -14.74
N ARG A 364 -30.25 -6.81 -15.00
CA ARG A 364 -30.50 -8.03 -15.74
C ARG A 364 -31.54 -8.91 -15.03
N GLN A 365 -31.48 -8.94 -13.70
CA GLN A 365 -32.41 -9.71 -12.90
C GLN A 365 -33.84 -9.21 -13.04
N LEU A 366 -33.98 -7.91 -13.25
CA LEU A 366 -35.29 -7.28 -13.37
C LEU A 366 -35.81 -7.20 -14.80
N ALA A 367 -34.93 -7.44 -15.76
CA ALA A 367 -35.30 -7.39 -17.17
C ALA A 367 -36.29 -8.50 -17.54
N MET B 1 43.40 6.98 18.49
CA MET B 1 42.58 7.07 17.25
C MET B 1 42.46 5.70 16.57
N GLN B 2 41.23 5.23 16.42
CA GLN B 2 40.98 3.93 15.82
C GLN B 2 41.11 3.91 14.32
N ASN B 3 41.68 2.82 13.80
CA ASN B 3 41.84 2.64 12.35
C ASN B 3 40.55 1.99 11.88
N VAL B 4 39.77 2.73 11.09
CA VAL B 4 38.49 2.25 10.61
C VAL B 4 38.43 2.04 9.11
N GLY B 5 38.07 0.83 8.69
CA GLY B 5 37.98 0.53 7.27
C GLY B 5 36.54 0.61 6.79
N PHE B 6 36.35 1.13 5.58
CA PHE B 6 35.01 1.25 5.00
C PHE B 6 34.90 0.45 3.72
N ILE B 7 33.91 -0.43 3.67
CA ILE B 7 33.66 -1.27 2.50
C ILE B 7 32.28 -0.91 1.96
N GLY B 8 32.15 -0.83 0.62
CA GLY B 8 30.88 -0.50 0.01
C GLY B 8 30.43 0.93 0.27
N TRP B 9 31.40 1.82 0.47
CA TRP B 9 31.13 3.23 0.75
C TRP B 9 30.64 4.00 -0.49
N ARG B 10 30.91 3.45 -1.66
CA ARG B 10 30.54 4.08 -2.93
C ARG B 10 29.10 3.78 -3.35
N GLY B 11 28.55 2.67 -2.86
CA GLY B 11 27.19 2.28 -3.19
C GLY B 11 26.15 3.21 -2.59
N MET B 12 24.88 2.95 -2.85
CA MET B 12 23.81 3.81 -2.34
C MET B 12 23.75 3.91 -0.81
N VAL B 13 23.70 2.78 -0.12
CA VAL B 13 23.65 2.83 1.34
C VAL B 13 24.93 3.45 1.87
N GLY B 14 26.07 3.06 1.30
CA GLY B 14 27.33 3.62 1.74
C GLY B 14 27.41 5.13 1.54
N SER B 15 26.85 5.60 0.43
CA SER B 15 26.84 7.02 0.11
C SER B 15 26.01 7.82 1.12
N VAL B 16 24.89 7.24 1.55
CA VAL B 16 24.05 7.89 2.54
C VAL B 16 24.85 7.93 3.84
N LEU B 17 25.57 6.85 4.13
CA LEU B 17 26.39 6.80 5.34
C LEU B 17 27.47 7.87 5.30
N MET B 18 28.17 7.96 4.17
CA MET B 18 29.22 8.96 4.02
C MET B 18 28.67 10.36 4.21
N GLN B 19 27.53 10.63 3.58
CA GLN B 19 26.89 11.94 3.68
C GLN B 19 26.58 12.27 5.13
N ARG B 20 26.01 11.32 5.87
CA ARG B 20 25.68 11.55 7.27
C ARG B 20 26.94 11.76 8.09
N MET B 21 27.98 10.99 7.79
CA MET B 21 29.23 11.13 8.53
C MET B 21 29.84 12.51 8.30
N VAL B 22 29.72 13.03 7.08
CA VAL B 22 30.24 14.37 6.78
C VAL B 22 29.45 15.42 7.56
N GLU B 23 28.13 15.27 7.56
CA GLU B 23 27.25 16.21 8.25
C GLU B 23 27.50 16.22 9.76
N GLU B 24 27.89 15.07 10.31
CA GLU B 24 28.15 14.98 11.74
C GLU B 24 29.64 15.06 12.08
N ARG B 25 30.47 15.26 11.07
CA ARG B 25 31.93 15.33 11.26
C ARG B 25 32.47 14.09 11.95
N ASP B 26 32.02 12.92 11.52
CA ASP B 26 32.43 11.66 12.11
C ASP B 26 33.81 11.14 11.67
N PHE B 27 34.42 11.76 10.66
CA PHE B 27 35.73 11.31 10.21
C PHE B 27 36.88 11.93 11.02
N ASP B 28 36.59 13.01 11.72
CA ASP B 28 37.63 13.70 12.49
C ASP B 28 38.29 12.92 13.62
N ALA B 29 37.54 12.05 14.28
CA ALA B 29 38.07 11.27 15.40
C ALA B 29 38.66 9.92 15.05
N ILE B 30 38.58 9.56 13.77
CA ILE B 30 39.11 8.27 13.34
C ILE B 30 40.13 8.39 12.22
N ARG B 31 40.77 7.27 11.91
CA ARG B 31 41.74 7.21 10.83
C ARG B 31 41.05 6.29 9.83
N PRO B 32 40.36 6.89 8.83
CA PRO B 32 39.64 6.15 7.79
C PRO B 32 40.48 5.54 6.67
N VAL B 33 40.13 4.31 6.32
CA VAL B 33 40.79 3.58 5.26
C VAL B 33 39.68 3.11 4.34
N PHE B 34 39.79 3.40 3.05
CA PHE B 34 38.74 3.01 2.13
C PHE B 34 39.13 1.84 1.25
N PHE B 35 38.22 0.86 1.15
CA PHE B 35 38.46 -0.34 0.36
C PHE B 35 37.59 -0.41 -0.88
N SER B 36 38.03 -1.23 -1.83
CA SER B 36 37.32 -1.43 -3.08
C SER B 36 37.38 -2.90 -3.48
N THR B 37 36.29 -3.39 -4.09
CA THR B 37 36.23 -4.78 -4.51
C THR B 37 36.64 -4.97 -5.96
N SER B 38 36.83 -3.87 -6.68
CA SER B 38 37.22 -3.94 -8.08
C SER B 38 37.97 -2.71 -8.60
N GLN B 39 38.28 -1.78 -7.71
CA GLN B 39 38.99 -0.57 -8.11
C GLN B 39 40.17 -0.23 -7.20
N LEU B 40 40.81 -1.26 -6.65
CA LEU B 40 41.95 -1.02 -5.77
C LEU B 40 43.03 -0.27 -6.53
N GLY B 41 43.77 0.59 -5.82
CA GLY B 41 44.82 1.35 -6.46
C GLY B 41 44.43 2.78 -6.79
N GLN B 42 43.15 2.99 -7.09
CA GLN B 42 42.67 4.34 -7.42
C GLN B 42 42.59 5.20 -6.16
N ALA B 43 42.57 6.52 -6.36
CA ALA B 43 42.50 7.46 -5.25
C ALA B 43 41.30 7.21 -4.34
N ALA B 44 41.48 7.44 -3.06
CA ALA B 44 40.42 7.24 -2.08
C ALA B 44 39.71 8.56 -1.79
N PRO B 45 38.46 8.49 -1.29
CA PRO B 45 37.69 9.70 -0.97
C PRO B 45 38.46 10.53 0.05
N SER B 46 38.63 11.81 -0.22
CA SER B 46 39.36 12.67 0.69
C SER B 46 38.49 13.21 1.82
N PHE B 47 37.86 12.30 2.56
CA PHE B 47 37.00 12.67 3.68
C PHE B 47 37.84 13.02 4.91
N GLY B 48 37.28 13.84 5.79
CA GLY B 48 37.97 14.23 7.00
C GLY B 48 39.37 14.76 6.81
N GLY B 49 39.59 15.49 5.72
CA GLY B 49 40.91 16.04 5.46
C GLY B 49 42.03 15.02 5.28
N THR B 50 41.69 13.84 4.79
CA THR B 50 42.68 12.80 4.57
C THR B 50 42.78 12.49 3.09
N THR B 51 43.87 11.84 2.70
CA THR B 51 44.08 11.45 1.31
C THR B 51 44.74 10.09 1.30
N GLY B 52 44.54 9.33 0.23
CA GLY B 52 45.14 8.01 0.16
C GLY B 52 44.74 7.23 -1.08
N THR B 53 44.85 5.91 -0.98
CA THR B 53 44.52 5.03 -2.08
C THR B 53 43.56 3.94 -1.61
N LEU B 54 42.72 3.47 -2.53
CA LEU B 54 41.75 2.42 -2.21
C LEU B 54 42.47 1.10 -1.97
N GLN B 55 42.17 0.46 -0.84
CA GLN B 55 42.77 -0.81 -0.48
C GLN B 55 41.94 -2.00 -1.01
N ASP B 56 42.54 -3.17 -1.00
CA ASP B 56 41.88 -4.39 -1.49
C ASP B 56 40.90 -4.97 -0.48
N ALA B 57 39.61 -4.88 -0.78
CA ALA B 57 38.57 -5.39 0.11
C ALA B 57 38.69 -6.89 0.40
N PHE B 58 39.47 -7.60 -0.40
CA PHE B 58 39.63 -9.05 -0.21
C PHE B 58 41.00 -9.43 0.37
N ASP B 59 41.81 -8.43 0.69
CA ASP B 59 43.13 -8.65 1.26
C ASP B 59 43.00 -8.77 2.79
N LEU B 60 43.06 -10.00 3.28
CA LEU B 60 42.92 -10.23 4.72
C LEU B 60 43.95 -9.51 5.59
N GLU B 61 45.17 -9.34 5.08
CA GLU B 61 46.20 -8.66 5.86
C GLU B 61 45.87 -7.19 6.03
N ALA B 62 45.33 -6.58 4.98
CA ALA B 62 44.95 -5.18 5.02
C ALA B 62 43.77 -4.99 5.98
N LEU B 63 42.85 -5.95 5.97
CA LEU B 63 41.67 -5.89 6.84
C LEU B 63 42.07 -6.14 8.30
N LYS B 64 42.97 -7.09 8.51
CA LYS B 64 43.42 -7.44 9.85
C LYS B 64 44.09 -6.30 10.59
N ALA B 65 44.65 -5.36 9.85
CA ALA B 65 45.34 -4.21 10.44
C ALA B 65 44.39 -3.16 11.01
N LEU B 66 43.09 -3.32 10.75
CA LEU B 66 42.09 -2.38 11.21
C LEU B 66 41.54 -2.69 12.59
N ASP B 67 41.01 -1.66 13.26
CA ASP B 67 40.42 -1.84 14.58
C ASP B 67 38.92 -2.04 14.42
N ILE B 68 38.36 -1.38 13.41
CA ILE B 68 36.93 -1.43 13.13
C ILE B 68 36.69 -1.48 11.64
N ILE B 69 35.68 -2.25 11.22
CA ILE B 69 35.31 -2.36 9.82
C ILE B 69 33.83 -2.00 9.74
N VAL B 70 33.49 -1.11 8.81
CA VAL B 70 32.10 -0.70 8.62
C VAL B 70 31.80 -1.06 7.17
N THR B 71 30.94 -2.05 6.97
CA THR B 71 30.62 -2.48 5.61
C THR B 71 29.17 -2.34 5.19
N CYS B 72 28.99 -1.79 3.99
CA CYS B 72 27.69 -1.60 3.37
C CYS B 72 27.77 -2.34 2.04
N GLN B 73 28.78 -3.19 1.91
CA GLN B 73 29.01 -3.94 0.67
C GLN B 73 27.96 -5.00 0.35
N GLY B 74 27.40 -5.64 1.36
CA GLY B 74 26.37 -6.65 1.10
C GLY B 74 26.65 -8.04 1.63
N GLY B 75 25.61 -8.87 1.60
CA GLY B 75 25.70 -10.25 2.10
C GLY B 75 26.73 -11.16 1.46
N ASP B 76 26.86 -11.10 0.14
CA ASP B 76 27.83 -11.96 -0.53
C ASP B 76 29.24 -11.65 -0.03
N TYR B 77 29.53 -10.36 0.16
CA TYR B 77 30.84 -9.96 0.65
C TYR B 77 31.05 -10.44 2.07
N THR B 78 30.07 -10.18 2.93
CA THR B 78 30.17 -10.60 4.33
C THR B 78 30.31 -12.12 4.46
N ASN B 79 29.51 -12.85 3.71
CA ASN B 79 29.55 -14.32 3.76
C ASN B 79 30.92 -14.88 3.37
N GLU B 80 31.63 -14.19 2.50
CA GLU B 80 32.94 -14.65 2.06
C GLU B 80 34.09 -14.20 2.94
N ILE B 81 34.07 -12.92 3.32
CA ILE B 81 35.15 -12.34 4.12
C ILE B 81 35.08 -12.49 5.63
N TYR B 82 33.91 -12.24 6.23
CA TYR B 82 33.79 -12.33 7.68
C TYR B 82 34.35 -13.60 8.32
N PRO B 83 33.92 -14.79 7.85
CA PRO B 83 34.44 -16.02 8.45
C PRO B 83 35.96 -16.13 8.35
N LYS B 84 36.49 -15.77 7.18
CA LYS B 84 37.93 -15.83 6.96
C LYS B 84 38.68 -14.84 7.85
N LEU B 85 38.11 -13.66 8.02
CA LEU B 85 38.75 -12.64 8.84
C LEU B 85 38.80 -13.08 10.30
N ARG B 86 37.68 -13.59 10.82
CA ARG B 86 37.64 -14.05 12.20
C ARG B 86 38.57 -15.24 12.41
N GLU B 87 38.58 -16.15 11.44
CA GLU B 87 39.43 -17.33 11.51
C GLU B 87 40.92 -16.98 11.45
N SER B 88 41.24 -15.81 10.90
CA SER B 88 42.63 -15.38 10.79
C SER B 88 43.11 -14.77 12.12
N GLY B 89 42.19 -14.63 13.07
CA GLY B 89 42.54 -14.08 14.37
C GLY B 89 42.16 -12.63 14.62
N TRP B 90 41.44 -12.01 13.69
CA TRP B 90 41.02 -10.63 13.84
C TRP B 90 40.04 -10.48 15.00
N GLN B 91 40.33 -9.56 15.91
CA GLN B 91 39.44 -9.35 17.06
C GLN B 91 38.82 -7.95 17.04
N GLY B 92 38.81 -7.32 15.88
CA GLY B 92 38.24 -5.99 15.76
C GLY B 92 36.73 -5.99 15.72
N TYR B 93 36.15 -4.80 15.62
CA TYR B 93 34.69 -4.65 15.57
C TYR B 93 34.20 -4.65 14.13
N TRP B 94 33.16 -5.44 13.87
CA TRP B 94 32.55 -5.53 12.55
C TRP B 94 31.14 -4.93 12.61
N ILE B 95 30.94 -3.83 11.89
CA ILE B 95 29.65 -3.15 11.83
C ILE B 95 29.15 -3.38 10.42
N ASP B 96 27.99 -4.04 10.31
CA ASP B 96 27.46 -4.45 9.01
C ASP B 96 26.02 -4.03 8.73
N ALA B 97 25.75 -3.70 7.46
CA ALA B 97 24.41 -3.31 7.03
C ALA B 97 23.67 -4.54 6.49
N ALA B 98 24.43 -5.53 6.05
CA ALA B 98 23.87 -6.76 5.49
C ALA B 98 23.15 -7.61 6.53
N SER B 99 22.16 -8.38 6.07
CA SER B 99 21.37 -9.23 6.96
C SER B 99 22.08 -10.53 7.37
N SER B 100 23.13 -10.88 6.63
CA SER B 100 23.90 -12.11 6.86
C SER B 100 24.10 -12.59 8.30
N LEU B 101 24.68 -11.73 9.13
CA LEU B 101 24.99 -12.11 10.52
C LEU B 101 23.98 -11.76 11.60
N ARG B 102 22.86 -11.16 11.22
CA ARG B 102 21.85 -10.77 12.20
C ARG B 102 21.45 -11.81 13.23
N MET B 103 21.23 -13.04 12.78
CA MET B 103 20.78 -14.08 13.70
C MET B 103 21.87 -14.96 14.29
N LYS B 104 23.13 -14.55 14.14
CA LYS B 104 24.25 -15.30 14.68
C LYS B 104 24.33 -15.09 16.20
N ASP B 105 24.71 -16.14 16.93
CA ASP B 105 24.80 -16.06 18.38
C ASP B 105 25.79 -15.05 18.92
N ASP B 106 26.83 -14.74 18.15
CA ASP B 106 27.84 -13.79 18.59
C ASP B 106 27.65 -12.40 17.98
N ALA B 107 26.46 -12.13 17.47
CA ALA B 107 26.17 -10.84 16.88
C ALA B 107 24.96 -10.20 17.53
N ILE B 108 24.95 -8.87 17.54
CA ILE B 108 23.85 -8.11 18.11
C ILE B 108 23.25 -7.22 17.02
N ILE B 109 21.93 -7.20 16.93
CA ILE B 109 21.27 -6.34 15.94
C ILE B 109 21.16 -4.99 16.64
N ILE B 110 21.68 -3.94 15.99
CA ILE B 110 21.70 -2.61 16.59
C ILE B 110 20.68 -1.57 16.12
N LEU B 111 20.10 -0.88 17.11
CA LEU B 111 19.13 0.20 16.91
C LEU B 111 19.18 0.89 18.27
N ASP B 112 20.31 1.53 18.56
CA ASP B 112 20.53 2.15 19.87
C ASP B 112 19.43 2.98 20.54
N PRO B 113 18.62 3.73 19.77
CA PRO B 113 17.59 4.49 20.49
C PRO B 113 16.58 3.54 21.12
N VAL B 114 16.57 2.31 20.64
CA VAL B 114 15.66 1.28 21.13
C VAL B 114 16.31 0.23 22.04
N ASN B 115 17.51 -0.21 21.70
CA ASN B 115 18.16 -1.24 22.51
C ASN B 115 19.58 -0.96 22.99
N GLN B 116 19.85 0.26 23.42
CA GLN B 116 21.19 0.60 23.91
C GLN B 116 21.63 -0.32 25.03
N ASP B 117 20.69 -0.72 25.89
CA ASP B 117 21.01 -1.62 27.00
C ASP B 117 21.58 -2.94 26.48
N VAL B 118 20.99 -3.45 25.40
CA VAL B 118 21.44 -4.70 24.81
C VAL B 118 22.84 -4.53 24.22
N ILE B 119 23.06 -3.38 23.59
CA ILE B 119 24.36 -3.08 22.98
C ILE B 119 25.44 -2.94 24.05
N THR B 120 25.14 -2.17 25.09
CA THR B 120 26.09 -1.96 26.18
C THR B 120 26.46 -3.27 26.85
N ASP B 121 25.48 -4.13 27.09
CA ASP B 121 25.75 -5.42 27.72
C ASP B 121 26.62 -6.28 26.82
N GLY B 122 26.32 -6.25 25.53
CA GLY B 122 27.10 -7.03 24.57
C GLY B 122 28.56 -6.62 24.56
N LEU B 123 28.81 -5.31 24.53
CA LEU B 123 30.17 -4.79 24.51
C LEU B 123 30.94 -5.26 25.73
N ASN B 124 30.30 -5.24 26.90
CA ASN B 124 30.95 -5.67 28.13
C ASN B 124 31.12 -7.18 28.18
N ASN B 125 30.31 -7.89 27.41
CA ASN B 125 30.39 -9.35 27.39
C ASN B 125 31.20 -9.92 26.22
N GLY B 126 32.00 -9.07 25.59
CA GLY B 126 32.83 -9.53 24.49
C GLY B 126 32.26 -9.55 23.09
N ILE B 127 31.04 -9.07 22.90
CA ILE B 127 30.47 -9.07 21.54
C ILE B 127 31.26 -8.07 20.69
N ARG B 128 31.62 -8.48 19.47
CA ARG B 128 32.40 -7.63 18.58
C ARG B 128 31.78 -7.50 17.20
N THR B 129 30.56 -8.01 17.04
CA THR B 129 29.88 -7.95 15.76
C THR B 129 28.50 -7.32 15.94
N PHE B 130 28.30 -6.20 15.26
CA PHE B 130 27.05 -5.46 15.37
C PHE B 130 26.46 -5.23 13.99
N VAL B 131 25.21 -5.62 13.83
CA VAL B 131 24.52 -5.55 12.55
C VAL B 131 23.22 -4.75 12.58
N GLY B 132 23.03 -3.90 11.58
CA GLY B 132 21.80 -3.12 11.52
C GLY B 132 20.65 -4.06 11.24
N GLY B 133 19.46 -3.70 11.72
CA GLY B 133 18.28 -4.53 11.51
C GLY B 133 17.57 -4.22 10.21
N ASN B 134 16.63 -5.09 9.83
CA ASN B 134 15.89 -4.90 8.59
C ASN B 134 15.19 -3.54 8.61
N CYS B 135 15.14 -2.88 7.46
CA CYS B 135 14.52 -1.57 7.37
C CYS B 135 13.10 -1.55 7.95
N THR B 136 12.30 -2.55 7.63
CA THR B 136 10.94 -2.62 8.13
C THR B 136 10.86 -2.62 9.66
N VAL B 137 11.60 -3.53 10.27
CA VAL B 137 11.61 -3.68 11.72
C VAL B 137 12.21 -2.47 12.44
N SER B 138 13.30 -1.92 11.90
CA SER B 138 13.94 -0.77 12.52
C SER B 138 13.00 0.44 12.50
N LEU B 139 12.33 0.66 11.38
CA LEU B 139 11.41 1.79 11.28
C LEU B 139 10.18 1.57 12.17
N MET B 140 9.72 0.32 12.27
CA MET B 140 8.59 0.02 13.13
C MET B 140 8.94 0.33 14.58
N LEU B 141 10.12 -0.09 15.02
CA LEU B 141 10.53 0.14 16.40
C LEU B 141 10.88 1.59 16.72
N MET B 142 11.36 2.34 15.74
CA MET B 142 11.68 3.75 15.99
C MET B 142 10.38 4.52 16.22
N SER B 143 9.33 4.12 15.51
CA SER B 143 8.03 4.77 15.63
C SER B 143 7.21 4.29 16.83
N LEU B 144 7.17 2.97 17.02
CA LEU B 144 6.38 2.37 18.08
C LEU B 144 7.17 1.92 19.31
N GLY B 145 8.43 2.33 19.41
CA GLY B 145 9.24 1.93 20.54
C GLY B 145 8.60 2.08 21.91
N GLY B 146 7.85 3.16 22.09
CA GLY B 146 7.21 3.40 23.37
C GLY B 146 6.28 2.29 23.82
N LEU B 147 5.57 1.69 22.89
CA LEU B 147 4.64 0.61 23.22
C LEU B 147 5.38 -0.66 23.65
N PHE B 148 6.50 -0.94 22.99
CA PHE B 148 7.27 -2.13 23.33
C PHE B 148 8.05 -1.94 24.63
N ALA B 149 8.61 -0.76 24.83
CA ALA B 149 9.39 -0.44 26.02
C ALA B 149 8.55 -0.52 27.30
N ASN B 150 7.26 -0.25 27.17
CA ASN B 150 6.37 -0.31 28.32
C ASN B 150 5.64 -1.65 28.37
N ASP B 151 6.15 -2.61 27.60
CA ASP B 151 5.59 -3.96 27.52
C ASP B 151 4.07 -3.96 27.42
N LEU B 152 3.55 -3.24 26.44
CA LEU B 152 2.11 -3.15 26.23
C LEU B 152 1.65 -3.92 25.00
N VAL B 153 2.58 -4.52 24.28
CA VAL B 153 2.26 -5.24 23.06
C VAL B 153 2.09 -6.75 23.23
N ASP B 154 0.90 -7.23 22.89
CA ASP B 154 0.58 -8.66 22.96
C ASP B 154 1.04 -9.27 21.63
N TRP B 155 0.60 -8.65 20.53
CA TRP B 155 1.00 -9.07 19.19
C TRP B 155 0.77 -7.95 18.21
N VAL B 156 1.39 -8.03 17.04
CA VAL B 156 1.21 -6.98 16.04
C VAL B 156 1.10 -7.55 14.64
N SER B 157 0.11 -7.08 13.90
CA SER B 157 -0.11 -7.49 12.53
C SER B 157 0.21 -6.27 11.68
N VAL B 158 0.96 -6.46 10.60
CA VAL B 158 1.39 -5.37 9.75
C VAL B 158 1.12 -5.55 8.27
N ALA B 159 0.94 -4.43 7.59
CA ALA B 159 0.76 -4.40 6.14
C ALA B 159 1.71 -3.28 5.76
N THR B 160 2.74 -3.59 4.97
CA THR B 160 3.70 -2.57 4.59
C THR B 160 3.51 -2.00 3.19
N TYR B 161 4.09 -0.82 2.97
CA TYR B 161 4.07 -0.11 1.71
C TYR B 161 5.53 0.27 1.53
N GLN B 162 6.33 -0.69 1.05
CA GLN B 162 7.77 -0.50 0.92
C GLN B 162 8.32 0.11 -0.36
N ALA B 163 9.25 1.05 -0.17
CA ALA B 163 9.89 1.78 -1.26
C ALA B 163 10.88 0.96 -2.08
N ALA B 164 11.14 1.43 -3.30
CA ALA B 164 12.05 0.78 -4.22
C ALA B 164 13.51 0.76 -3.77
N SER B 165 13.90 1.72 -2.93
CA SER B 165 15.28 1.78 -2.47
C SER B 165 15.67 0.49 -1.74
N GLY B 166 14.67 -0.17 -1.16
CA GLY B 166 14.93 -1.43 -0.48
C GLY B 166 15.43 -2.48 -1.46
N GLY B 167 15.02 -2.31 -2.71
CA GLY B 167 15.46 -3.22 -3.75
C GLY B 167 16.84 -2.79 -4.22
N GLY B 168 17.01 -1.48 -4.44
CA GLY B 168 18.30 -0.98 -4.86
C GLY B 168 18.23 0.24 -5.78
N ALA B 169 19.39 0.78 -6.11
CA ALA B 169 19.48 1.94 -6.99
C ALA B 169 18.89 1.63 -8.36
N ARG B 170 19.21 0.47 -8.91
CA ARG B 170 18.68 0.09 -10.22
C ARG B 170 17.16 0.01 -10.17
N HIS B 171 16.65 -0.51 -9.06
CA HIS B 171 15.21 -0.65 -8.87
C HIS B 171 14.52 0.71 -8.86
N MET B 172 15.15 1.69 -8.22
CA MET B 172 14.60 3.03 -8.15
C MET B 172 14.55 3.64 -9.56
N ARG B 173 15.61 3.42 -10.33
CA ARG B 173 15.68 3.96 -11.68
C ARG B 173 14.63 3.30 -12.57
N GLU B 174 14.36 2.02 -12.32
CA GLU B 174 13.38 1.28 -13.09
C GLU B 174 11.98 1.85 -12.84
N LEU B 175 11.67 2.15 -11.59
CA LEU B 175 10.39 2.72 -11.22
C LEU B 175 10.16 4.06 -11.92
N LEU B 176 11.16 4.94 -11.84
CA LEU B 176 11.06 6.26 -12.44
C LEU B 176 10.97 6.19 -13.96
N THR B 177 11.73 5.28 -14.56
CA THR B 177 11.70 5.13 -16.00
C THR B 177 10.32 4.65 -16.43
N GLN B 178 9.74 3.75 -15.65
CA GLN B 178 8.40 3.25 -15.96
C GLN B 178 7.37 4.37 -15.90
N MET B 179 7.51 5.27 -14.92
CA MET B 179 6.60 6.39 -14.80
C MET B 179 6.68 7.20 -16.09
N GLY B 180 7.89 7.30 -16.64
CA GLY B 180 8.09 8.03 -17.87
C GLY B 180 7.38 7.39 -19.04
N HIS B 181 7.44 6.06 -19.09
CA HIS B 181 6.77 5.32 -20.16
C HIS B 181 5.26 5.51 -20.10
N LEU B 182 4.69 5.36 -18.91
CA LEU B 182 3.25 5.48 -18.72
C LEU B 182 2.73 6.86 -19.11
N TYR B 183 3.38 7.90 -18.62
CA TYR B 183 2.97 9.26 -18.94
C TYR B 183 3.20 9.56 -20.42
N GLY B 184 4.39 9.26 -20.92
CA GLY B 184 4.71 9.52 -22.30
C GLY B 184 3.71 8.96 -23.28
N HIS B 185 3.22 7.76 -22.98
CA HIS B 185 2.26 7.06 -23.83
C HIS B 185 0.94 7.82 -23.99
N VAL B 186 0.56 8.60 -22.98
CA VAL B 186 -0.69 9.35 -23.02
C VAL B 186 -0.51 10.85 -22.81
N ALA B 187 0.70 11.35 -23.01
CA ALA B 187 0.97 12.77 -22.81
C ALA B 187 0.07 13.66 -23.66
N ASP B 188 -0.14 13.31 -24.92
CA ASP B 188 -0.99 14.10 -25.80
C ASP B 188 -2.42 14.16 -25.28
N GLU B 189 -2.95 13.02 -24.85
CA GLU B 189 -4.31 12.96 -24.32
C GLU B 189 -4.46 13.80 -23.05
N LEU B 190 -3.50 13.68 -22.15
CA LEU B 190 -3.54 14.43 -20.90
C LEU B 190 -3.57 15.94 -21.17
N ALA B 191 -2.86 16.35 -22.21
CA ALA B 191 -2.79 17.77 -22.59
C ALA B 191 -4.03 18.22 -23.35
N THR B 192 -4.94 17.30 -23.62
CA THR B 192 -6.18 17.61 -24.34
C THR B 192 -7.33 17.61 -23.32
N PRO B 193 -7.83 18.80 -22.97
CA PRO B 193 -8.92 18.95 -22.00
C PRO B 193 -10.13 18.05 -22.21
N SER B 194 -10.54 17.88 -23.47
CA SER B 194 -11.72 17.08 -23.79
C SER B 194 -11.49 15.57 -23.92
N SER B 195 -10.26 15.12 -23.71
CA SER B 195 -9.96 13.68 -23.85
C SER B 195 -10.73 12.88 -22.80
N ALA B 196 -11.10 11.65 -23.18
CA ALA B 196 -11.84 10.77 -22.30
C ALA B 196 -10.91 9.98 -21.40
N ILE B 197 -11.18 10.02 -20.09
CA ILE B 197 -10.37 9.32 -19.10
C ILE B 197 -10.22 7.83 -19.36
N LEU B 198 -11.28 7.19 -19.83
CA LEU B 198 -11.22 5.76 -20.09
C LEU B 198 -10.32 5.42 -21.27
N ASP B 199 -10.17 6.37 -22.20
CA ASP B 199 -9.29 6.14 -23.34
C ASP B 199 -7.85 6.23 -22.84
N ILE B 200 -7.62 7.18 -21.93
CA ILE B 200 -6.29 7.36 -21.35
C ILE B 200 -5.91 6.13 -20.54
N GLU B 201 -6.79 5.74 -19.63
CA GLU B 201 -6.50 4.57 -18.80
C GLU B 201 -6.32 3.30 -19.62
N ARG B 202 -7.17 3.10 -20.63
CA ARG B 202 -7.05 1.91 -21.45
C ARG B 202 -5.64 1.77 -22.00
N LYS B 203 -5.11 2.86 -22.53
CA LYS B 203 -3.76 2.83 -23.09
C LYS B 203 -2.68 2.54 -22.04
N VAL B 204 -2.81 3.14 -20.86
CA VAL B 204 -1.83 2.91 -19.80
C VAL B 204 -1.87 1.45 -19.34
N THR B 205 -3.07 0.94 -19.18
CA THR B 205 -3.29 -0.44 -18.75
C THR B 205 -2.74 -1.45 -19.75
N THR B 206 -3.03 -1.20 -21.03
CA THR B 206 -2.55 -2.08 -22.09
C THR B 206 -1.03 -2.07 -22.16
N LEU B 207 -0.45 -0.88 -22.10
CA LEU B 207 1.01 -0.76 -22.15
C LEU B 207 1.65 -1.51 -21.00
N THR B 208 1.07 -1.38 -19.80
CA THR B 208 1.59 -2.04 -18.62
C THR B 208 1.69 -3.56 -18.76
N ARG B 209 0.69 -4.17 -19.40
CA ARG B 209 0.70 -5.63 -19.58
C ARG B 209 1.29 -6.08 -20.91
N SER B 210 1.77 -5.14 -21.72
CA SER B 210 2.33 -5.46 -23.03
C SER B 210 3.66 -6.19 -23.00
N GLY B 211 4.47 -5.92 -22.00
CA GLY B 211 5.78 -6.55 -21.89
C GLY B 211 6.83 -5.56 -22.37
N GLU B 212 6.38 -4.36 -22.71
CA GLU B 212 7.26 -3.30 -23.20
C GLU B 212 7.98 -2.59 -22.06
N LEU B 213 7.36 -2.54 -20.89
CA LEU B 213 7.97 -1.88 -19.74
C LEU B 213 9.22 -2.62 -19.27
N PRO B 214 10.27 -1.88 -18.88
CA PRO B 214 11.51 -2.49 -18.39
C PRO B 214 11.28 -3.04 -16.99
N VAL B 215 11.43 -4.35 -16.81
CA VAL B 215 11.21 -4.97 -15.50
C VAL B 215 12.32 -5.95 -15.09
N ASP B 216 13.52 -5.73 -15.58
CA ASP B 216 14.63 -6.62 -15.23
C ASP B 216 14.88 -6.75 -13.73
N ASN B 217 14.68 -5.66 -12.99
CA ASN B 217 14.93 -5.67 -11.55
C ASN B 217 13.82 -6.17 -10.64
N PHE B 218 12.58 -5.79 -10.92
CA PHE B 218 11.47 -6.25 -10.07
C PHE B 218 10.75 -7.47 -10.64
N GLY B 219 10.98 -7.78 -11.90
CA GLY B 219 10.34 -8.93 -12.52
C GLY B 219 9.00 -8.59 -13.16
N VAL B 220 8.26 -7.71 -12.53
CA VAL B 220 6.96 -7.24 -13.03
C VAL B 220 6.93 -5.73 -12.84
N PRO B 221 5.94 -5.04 -13.45
CA PRO B 221 5.88 -3.58 -13.30
C PRO B 221 5.65 -3.10 -11.86
N LEU B 222 6.11 -1.88 -11.57
CA LEU B 222 5.90 -1.31 -10.25
C LEU B 222 5.13 0.00 -10.36
N ALA B 223 5.45 0.82 -11.37
CA ALA B 223 4.74 2.09 -11.54
C ALA B 223 3.27 1.79 -11.79
N GLY B 224 2.41 2.36 -10.94
CA GLY B 224 0.98 2.14 -11.07
C GLY B 224 0.54 0.79 -10.53
N SER B 225 1.47 0.05 -9.93
CA SER B 225 1.12 -1.26 -9.40
C SER B 225 1.79 -1.49 -8.04
N LEU B 226 1.84 -2.75 -7.62
CA LEU B 226 2.46 -3.11 -6.36
C LEU B 226 2.75 -4.60 -6.42
N ILE B 227 3.63 -5.08 -5.55
CA ILE B 227 4.02 -6.49 -5.56
C ILE B 227 3.96 -7.05 -4.13
N PRO B 228 2.94 -7.86 -3.84
CA PRO B 228 2.80 -8.44 -2.49
C PRO B 228 3.68 -9.63 -2.17
N TRP B 229 4.96 -9.53 -2.52
CA TRP B 229 5.94 -10.56 -2.21
C TRP B 229 7.33 -9.98 -2.33
N ILE B 230 8.07 -10.00 -1.22
CA ILE B 230 9.42 -9.48 -1.18
C ILE B 230 10.37 -10.54 -0.62
N ASP B 231 11.38 -10.88 -1.41
CA ASP B 231 12.41 -11.86 -1.05
C ASP B 231 11.94 -13.31 -1.13
N LYS B 232 12.85 -14.24 -0.83
CA LYS B 232 12.58 -15.68 -0.93
C LYS B 232 11.37 -16.25 -0.20
N GLN B 233 10.83 -17.32 -0.79
CA GLN B 233 9.67 -18.01 -0.23
C GLN B 233 10.13 -19.02 0.81
N LEU B 234 9.44 -19.05 1.95
CA LEU B 234 9.78 -19.97 3.03
C LEU B 234 8.68 -21.03 3.18
N ASP B 235 9.01 -22.14 3.82
CA ASP B 235 8.05 -23.24 3.98
C ASP B 235 6.80 -22.93 4.79
N ASN B 236 6.85 -21.89 5.62
CA ASN B 236 5.68 -21.54 6.40
C ASN B 236 4.73 -20.61 5.65
N GLY B 237 5.06 -20.33 4.38
CA GLY B 237 4.20 -19.46 3.59
C GLY B 237 4.57 -18.00 3.63
N GLN B 238 5.55 -17.64 4.45
CA GLN B 238 6.00 -16.25 4.54
C GLN B 238 7.09 -15.99 3.52
N SER B 239 7.32 -14.72 3.22
CA SER B 239 8.42 -14.31 2.36
C SER B 239 9.48 -14.07 3.42
N ARG B 240 10.74 -14.05 3.04
CA ARG B 240 11.80 -13.82 4.03
C ARG B 240 11.63 -12.45 4.68
N GLU B 241 11.13 -11.48 3.90
CA GLU B 241 10.93 -10.13 4.43
C GLU B 241 9.93 -10.16 5.58
N GLU B 242 8.86 -10.94 5.44
CA GLU B 242 7.85 -11.04 6.49
C GLU B 242 8.39 -11.79 7.71
N TRP B 243 9.18 -12.82 7.47
CA TRP B 243 9.76 -13.63 8.54
C TRP B 243 10.66 -12.80 9.46
N LYS B 244 11.38 -11.84 8.88
CA LYS B 244 12.28 -10.99 9.67
C LYS B 244 11.55 -10.18 10.73
N GLY B 245 10.26 -9.95 10.52
CA GLY B 245 9.49 -9.18 11.46
C GLY B 245 9.56 -9.72 12.89
N GLN B 246 9.14 -10.95 13.08
CA GLN B 246 9.16 -11.55 14.41
C GLN B 246 10.57 -11.88 14.88
N ALA B 247 11.37 -12.44 13.98
CA ALA B 247 12.73 -12.84 14.32
C ALA B 247 13.59 -11.68 14.80
N GLU B 248 13.61 -10.61 14.04
CA GLU B 248 14.42 -9.45 14.40
C GLU B 248 13.84 -8.56 15.49
N THR B 249 12.51 -8.44 15.56
CA THR B 249 11.91 -7.63 16.61
C THR B 249 12.26 -8.20 17.97
N ASN B 250 12.09 -9.51 18.12
CA ASN B 250 12.38 -10.16 19.39
C ASN B 250 13.87 -10.16 19.73
N LYS B 251 14.75 -10.25 18.74
CA LYS B 251 16.18 -10.23 19.03
C LYS B 251 16.66 -8.83 19.40
N ILE B 252 16.15 -7.83 18.69
CA ILE B 252 16.53 -6.45 18.97
C ILE B 252 16.12 -6.06 20.39
N LEU B 253 14.91 -6.42 20.76
CA LEU B 253 14.37 -6.10 22.09
C LEU B 253 14.83 -7.06 23.18
N ASN B 254 15.37 -8.21 22.78
CA ASN B 254 15.82 -9.22 23.71
C ASN B 254 14.66 -9.59 24.66
N THR B 255 13.53 -9.94 24.05
CA THR B 255 12.32 -10.30 24.80
C THR B 255 12.48 -11.58 25.61
N SER B 256 11.77 -11.65 26.74
CA SER B 256 11.82 -12.82 27.61
C SER B 256 10.83 -13.86 27.09
N SER B 257 9.83 -13.38 26.36
CA SER B 257 8.82 -14.24 25.76
C SER B 257 8.62 -13.73 24.34
N VAL B 258 8.28 -14.62 23.42
CA VAL B 258 8.10 -14.22 22.03
C VAL B 258 6.86 -13.34 21.80
N ILE B 259 7.08 -12.21 21.15
CA ILE B 259 5.97 -11.31 20.80
C ILE B 259 5.68 -11.62 19.34
N PRO B 260 4.46 -12.11 19.03
CA PRO B 260 4.15 -12.41 17.64
C PRO B 260 4.11 -11.16 16.77
N VAL B 261 4.81 -11.22 15.64
CA VAL B 261 4.85 -10.12 14.68
C VAL B 261 4.70 -10.79 13.33
N ASP B 262 3.69 -10.40 12.57
CA ASP B 262 3.47 -11.04 11.28
C ASP B 262 2.64 -10.13 10.39
N GLY B 263 2.49 -10.52 9.13
CA GLY B 263 1.72 -9.71 8.20
C GLY B 263 2.14 -9.86 6.76
N LEU B 264 1.92 -8.80 5.98
CA LEU B 264 2.23 -8.81 4.57
C LEU B 264 3.17 -7.68 4.18
N CYS B 265 4.24 -8.02 3.46
CA CYS B 265 5.20 -7.02 3.01
C CYS B 265 4.99 -6.80 1.52
N VAL B 266 4.59 -5.58 1.19
CA VAL B 266 4.27 -5.22 -0.20
C VAL B 266 5.17 -4.11 -0.75
N ARG B 267 5.70 -4.32 -1.96
CA ARG B 267 6.53 -3.31 -2.62
C ARG B 267 5.59 -2.35 -3.33
N VAL B 268 5.81 -1.04 -3.15
CA VAL B 268 4.97 -0.04 -3.81
C VAL B 268 5.82 0.97 -4.58
N GLY B 269 5.16 1.86 -5.33
CA GLY B 269 5.86 2.84 -6.13
C GLY B 269 6.41 4.07 -5.45
N ALA B 270 7.17 3.88 -4.37
CA ALA B 270 7.78 4.99 -3.63
C ALA B 270 9.29 4.85 -3.80
N LEU B 271 10.02 5.96 -3.71
CA LEU B 271 11.48 5.91 -3.88
C LEU B 271 12.29 5.46 -2.67
N ARG B 272 12.11 6.12 -1.53
CA ARG B 272 12.89 5.81 -0.32
C ARG B 272 12.11 5.54 0.97
N CYS B 273 10.87 5.98 1.05
CA CYS B 273 10.08 5.81 2.26
C CYS B 273 9.22 4.57 2.39
N HIS B 274 9.32 3.92 3.55
CA HIS B 274 8.49 2.75 3.85
C HIS B 274 7.35 3.26 4.73
N SER B 275 6.13 2.84 4.43
CA SER B 275 4.99 3.23 5.26
C SER B 275 4.46 1.90 5.77
N GLN B 276 3.87 1.91 6.96
CA GLN B 276 3.35 0.67 7.53
C GLN B 276 2.04 0.85 8.28
N ALA B 277 1.08 -0.03 8.03
CA ALA B 277 -0.21 0.00 8.69
C ALA B 277 -0.20 -1.10 9.74
N PHE B 278 -0.61 -0.77 10.97
CA PHE B 278 -0.60 -1.74 12.05
C PHE B 278 -1.92 -1.98 12.76
N THR B 279 -2.08 -3.21 13.23
CA THR B 279 -3.21 -3.62 14.04
C THR B 279 -2.44 -4.16 15.25
N ILE B 280 -2.49 -3.41 16.35
CA ILE B 280 -1.75 -3.77 17.55
C ILE B 280 -2.65 -4.23 18.68
N LYS B 281 -2.40 -5.43 19.20
CA LYS B 281 -3.19 -5.94 20.32
C LYS B 281 -2.45 -5.56 21.59
N LEU B 282 -3.07 -4.72 22.40
CA LEU B 282 -2.47 -4.27 23.66
C LEU B 282 -2.77 -5.26 24.77
N LYS B 283 -1.94 -5.27 25.81
CA LYS B 283 -2.14 -6.16 26.94
C LYS B 283 -3.23 -5.63 27.87
N LYS B 284 -3.56 -4.35 27.72
CA LYS B 284 -4.60 -3.71 28.53
C LYS B 284 -5.14 -2.47 27.84
N ASP B 285 -6.31 -2.02 28.28
CA ASP B 285 -6.95 -0.84 27.71
C ASP B 285 -6.23 0.44 28.13
N VAL B 286 -5.44 0.99 27.22
CA VAL B 286 -4.70 2.22 27.47
C VAL B 286 -5.38 3.31 26.65
N SER B 287 -5.59 4.48 27.24
CA SER B 287 -6.25 5.56 26.51
C SER B 287 -5.36 6.05 25.36
N ILE B 288 -5.98 6.62 24.33
CA ILE B 288 -5.23 7.13 23.20
C ILE B 288 -4.29 8.26 23.64
N PRO B 289 -4.75 9.13 24.56
CA PRO B 289 -3.86 10.20 24.99
C PRO B 289 -2.59 9.62 25.62
N THR B 290 -2.77 8.56 26.41
CA THR B 290 -1.64 7.91 27.07
C THR B 290 -0.72 7.28 26.03
N VAL B 291 -1.31 6.61 25.03
CA VAL B 291 -0.54 5.97 23.97
C VAL B 291 0.31 7.03 23.25
N GLU B 292 -0.29 8.15 22.93
CA GLU B 292 0.41 9.24 22.25
C GLU B 292 1.60 9.71 23.08
N GLU B 293 1.39 9.89 24.38
CA GLU B 293 2.44 10.34 25.26
C GLU B 293 3.59 9.34 25.36
N LEU B 294 3.25 8.06 25.47
CA LEU B 294 4.26 7.00 25.57
C LEU B 294 5.12 6.90 24.31
N LEU B 295 4.48 7.03 23.16
CA LEU B 295 5.20 6.94 21.88
C LEU B 295 6.16 8.11 21.73
N ALA B 296 5.67 9.32 21.96
CA ALA B 296 6.49 10.52 21.83
C ALA B 296 7.63 10.56 22.84
N ALA B 297 7.40 10.00 24.02
CA ALA B 297 8.41 10.01 25.07
C ALA B 297 9.54 8.99 24.88
N HIS B 298 9.32 8.00 24.02
CA HIS B 298 10.34 6.98 23.82
C HIS B 298 11.64 7.50 23.20
N ASN B 299 11.53 8.24 22.10
CA ASN B 299 12.70 8.79 21.43
C ASN B 299 12.29 10.03 20.65
N PRO B 300 13.23 10.96 20.41
CA PRO B 300 12.96 12.19 19.67
C PRO B 300 12.53 12.13 18.21
N TRP B 301 12.62 10.96 17.58
CA TRP B 301 12.23 10.84 16.18
C TRP B 301 10.81 10.32 15.98
N ALA B 302 10.24 9.76 17.04
CA ALA B 302 8.88 9.21 16.99
C ALA B 302 7.82 10.30 17.08
N LYS B 303 7.76 11.12 16.05
CA LYS B 303 6.81 12.23 15.97
C LYS B 303 5.38 11.71 15.90
N VAL B 304 4.54 12.12 16.84
CA VAL B 304 3.15 11.70 16.84
C VAL B 304 2.32 12.71 16.07
N VAL B 305 1.74 12.29 14.95
CA VAL B 305 0.92 13.16 14.13
C VAL B 305 -0.53 13.03 14.59
N PRO B 306 -1.13 14.14 15.05
CA PRO B 306 -2.52 14.13 15.51
C PRO B 306 -3.43 13.43 14.50
N ASN B 307 -4.40 12.68 15.02
CA ASN B 307 -5.32 11.96 14.16
C ASN B 307 -6.38 12.87 13.54
N ASP B 308 -5.91 13.84 12.77
CA ASP B 308 -6.80 14.79 12.09
C ASP B 308 -6.48 14.78 10.60
N ARG B 309 -7.52 14.88 9.79
CA ARG B 309 -7.39 14.80 8.33
C ARG B 309 -6.31 15.64 7.64
N GLU B 310 -6.41 16.96 7.71
CA GLU B 310 -5.45 17.82 7.05
C GLU B 310 -3.99 17.65 7.46
N ILE B 311 -3.72 17.59 8.77
CA ILE B 311 -2.35 17.42 9.23
C ILE B 311 -1.80 16.05 8.83
N THR B 312 -2.66 15.05 8.80
CA THR B 312 -2.24 13.70 8.41
C THR B 312 -1.81 13.71 6.94
N MET B 313 -2.61 14.37 6.10
CA MET B 313 -2.32 14.46 4.68
C MET B 313 -1.00 15.16 4.39
N ARG B 314 -0.66 16.15 5.20
CA ARG B 314 0.57 16.90 5.00
C ARG B 314 1.83 16.33 5.63
N GLU B 315 1.68 15.58 6.73
CA GLU B 315 2.86 15.07 7.41
C GLU B 315 3.06 13.56 7.55
N LEU B 316 2.02 12.76 7.38
CA LEU B 316 2.19 11.32 7.52
C LEU B 316 2.26 10.65 6.15
N THR B 317 3.23 11.08 5.35
CA THR B 317 3.39 10.57 3.99
C THR B 317 4.84 10.51 3.55
N PRO B 318 5.14 9.70 2.52
CA PRO B 318 6.51 9.61 2.03
C PRO B 318 7.00 10.99 1.55
N ALA B 319 6.11 11.73 0.89
CA ALA B 319 6.46 13.06 0.38
C ALA B 319 7.00 13.97 1.48
N ALA B 320 6.46 13.82 2.69
CA ALA B 320 6.87 14.64 3.82
C ALA B 320 8.07 14.10 4.59
N VAL B 321 8.29 12.80 4.52
CA VAL B 321 9.36 12.15 5.28
C VAL B 321 10.67 11.82 4.56
N THR B 322 10.62 11.59 3.26
CA THR B 322 11.82 11.24 2.51
C THR B 322 13.02 12.15 2.81
N GLY B 323 14.17 11.52 3.09
CA GLY B 323 15.37 12.28 3.36
C GLY B 323 15.52 12.84 4.76
N THR B 324 14.53 12.62 5.62
CA THR B 324 14.60 13.13 6.99
C THR B 324 14.78 11.97 7.96
N LEU B 325 15.14 12.29 9.21
CA LEU B 325 15.34 11.27 10.23
C LEU B 325 14.07 11.05 11.06
N THR B 326 13.02 11.78 10.71
CA THR B 326 11.76 11.65 11.43
C THR B 326 11.06 10.34 11.09
N THR B 327 10.54 9.66 12.11
CA THR B 327 9.81 8.40 11.92
C THR B 327 8.44 8.57 12.56
N PRO B 328 7.59 9.42 11.94
CA PRO B 328 6.24 9.71 12.44
C PRO B 328 5.27 8.54 12.50
N VAL B 329 4.36 8.64 13.46
CA VAL B 329 3.31 7.64 13.66
C VAL B 329 2.02 8.43 13.84
N GLY B 330 0.95 7.96 13.19
CA GLY B 330 -0.32 8.64 13.28
C GLY B 330 -1.52 7.72 13.16
N ARG B 331 -2.68 8.31 12.90
CA ARG B 331 -3.94 7.58 12.78
C ARG B 331 -4.17 6.70 14.01
N LEU B 332 -3.70 7.16 15.16
CA LEU B 332 -3.83 6.39 16.41
C LEU B 332 -5.24 6.47 16.99
N ARG B 333 -5.89 5.32 17.04
CA ARG B 333 -7.25 5.22 17.58
C ARG B 333 -7.53 3.75 17.90
N LYS B 334 -8.61 3.48 18.60
CA LYS B 334 -8.97 2.11 18.91
C LYS B 334 -9.82 1.59 17.75
N LEU B 335 -9.70 0.29 17.47
CA LEU B 335 -10.44 -0.34 16.39
C LEU B 335 -11.77 -0.90 16.90
N ASN B 336 -12.71 -1.15 15.99
CA ASN B 336 -14.01 -1.67 16.37
C ASN B 336 -13.97 -3.01 17.09
N MET B 337 -12.85 -3.74 16.98
CA MET B 337 -12.74 -5.03 17.63
C MET B 337 -12.76 -4.90 19.16
N GLY B 338 -12.35 -3.75 19.67
CA GLY B 338 -12.33 -3.55 21.11
C GLY B 338 -11.28 -2.54 21.56
N PRO B 339 -11.36 -2.07 22.81
CA PRO B 339 -10.42 -1.09 23.37
C PRO B 339 -8.97 -1.56 23.52
N GLU B 340 -8.72 -2.86 23.31
CA GLU B 340 -7.36 -3.37 23.41
C GLU B 340 -6.74 -3.51 22.02
N PHE B 341 -7.49 -3.08 21.00
CA PHE B 341 -7.03 -3.12 19.61
C PHE B 341 -6.67 -1.71 19.17
N LEU B 342 -5.40 -1.50 18.84
CA LEU B 342 -4.92 -0.18 18.45
C LEU B 342 -4.48 -0.10 17.00
N SER B 343 -4.89 0.98 16.33
CA SER B 343 -4.52 1.22 14.94
C SER B 343 -3.38 2.24 14.93
N ALA B 344 -2.46 2.09 13.97
CA ALA B 344 -1.34 3.02 13.83
C ALA B 344 -0.80 2.95 12.40
N PHE B 345 -0.34 4.10 11.90
CA PHE B 345 0.23 4.17 10.56
C PHE B 345 1.55 4.92 10.70
N THR B 346 2.63 4.33 10.20
CA THR B 346 3.94 4.94 10.32
C THR B 346 4.60 5.15 8.97
N VAL B 347 5.54 6.09 8.93
CA VAL B 347 6.31 6.39 7.72
C VAL B 347 7.75 6.62 8.16
N GLY B 348 8.70 6.17 7.35
CA GLY B 348 10.10 6.35 7.70
C GLY B 348 11.00 6.17 6.49
N ASP B 349 12.11 6.89 6.46
CA ASP B 349 13.04 6.79 5.34
C ASP B 349 13.84 5.48 5.46
N GLN B 350 13.80 4.68 4.39
CA GLN B 350 14.48 3.38 4.36
C GLN B 350 16.00 3.41 4.42
N LEU B 351 16.60 4.47 3.88
CA LEU B 351 18.06 4.59 3.85
C LEU B 351 18.71 5.14 5.11
N LEU B 352 17.95 5.85 5.93
CA LEU B 352 18.51 6.42 7.15
C LEU B 352 18.34 5.47 8.33
N TRP B 353 17.29 5.62 9.13
CA TRP B 353 17.12 4.68 10.24
C TRP B 353 16.98 3.23 9.74
N GLY B 354 16.54 3.08 8.50
CA GLY B 354 16.38 1.75 7.95
C GLY B 354 17.64 1.13 7.38
N ALA B 355 18.75 1.87 7.40
CA ALA B 355 19.99 1.32 6.87
C ALA B 355 21.28 1.94 7.40
N ALA B 356 21.58 3.16 6.98
CA ALA B 356 22.82 3.81 7.37
C ALA B 356 22.95 4.40 8.77
N GLU B 357 21.90 5.04 9.28
CA GLU B 357 22.01 5.69 10.58
C GLU B 357 22.44 4.83 11.76
N PRO B 358 21.90 3.60 11.89
CA PRO B 358 22.33 2.79 13.03
C PRO B 358 23.84 2.51 13.01
N LEU B 359 24.39 2.39 11.80
CA LEU B 359 25.82 2.10 11.64
C LEU B 359 26.68 3.28 12.09
N ARG B 360 26.30 4.48 11.66
CA ARG B 360 27.03 5.69 12.02
C ARG B 360 27.05 5.86 13.53
N ARG B 361 25.89 5.66 14.16
CA ARG B 361 25.79 5.81 15.60
C ARG B 361 26.60 4.78 16.37
N MET B 362 26.66 3.56 15.85
CA MET B 362 27.43 2.51 16.51
C MET B 362 28.91 2.85 16.39
N LEU B 363 29.33 3.34 15.22
CA LEU B 363 30.72 3.69 15.03
C LEU B 363 31.12 4.77 16.03
N ARG B 364 30.24 5.76 16.23
CA ARG B 364 30.52 6.85 17.16
C ARG B 364 30.79 6.31 18.56
N GLN B 365 30.07 5.25 18.94
CA GLN B 365 30.25 4.66 20.26
C GLN B 365 31.57 3.90 20.42
N LEU B 366 32.15 3.48 19.29
CA LEU B 366 33.40 2.73 19.34
C LEU B 366 34.65 3.57 19.04
N ALA B 367 34.45 4.79 18.57
CA ALA B 367 35.56 5.68 18.22
C ALA B 367 36.36 6.09 19.46
NA NA C . -44.63 -3.84 -20.06
NA NA D . 2.14 -23.61 -0.35
NA NA E . -21.31 18.81 -4.53
NA NA F . -8.83 13.71 17.94
NA NA G . 43.78 0.16 21.45
#